data_7ZYG
#
_entry.id   7ZYG
#
_cell.length_a   1.00
_cell.length_b   1.00
_cell.length_c   1.00
_cell.angle_alpha   90.00
_cell.angle_beta   90.00
_cell.angle_gamma   90.00
#
_symmetry.space_group_name_H-M   'P 1'
#
loop_
_entity.id
_entity.type
_entity.pdbx_description
1 polymer 'X-ray repair cross-complementing protein 6'
2 polymer 'X-ray repair cross-complementing protein 5'
3 polymer 'Protein PAXX'
4 polymer 'Non-homologous end-joining factor 1'
5 polymer DNA
6 polymer DNA
7 non-polymer 'PHOSPHATE ION'
#
loop_
_entity_poly.entity_id
_entity_poly.type
_entity_poly.pdbx_seq_one_letter_code
_entity_poly.pdbx_strand_id
1 'polypeptide(L)'
;MSGWESYYKTEGDEEAEEEQEENLEASGDYKYSGRDSLIFLVDASKAMFESQSEDELTPFDMSIQCIQSVYISKIISSDR
DLLAVVFYGTEKDKNSVNFKNIYVLQELDNPGAKRILELDQFKGQQGQKRFQDMMGHGSDYSLSEVLWVCANLFSDVQFK
MSHKRIMLFTNEDNPHGNDSAKASRARTKAGDLRDTGIFLDLMHLKKPGGFDISLFYRDIISIAEDEDLRVHFEESSKLE
DLLRKVRAKETRKRALSRLKLKLNKDIVISVGIYNLVQKALKPPPIKLYRETNEPVKTKTRTFNTSTGGLLLPSDTKRSQ
IYGSRQIILEKEETEELKRFDDPGLMLMGFKPLVLLKKHHYLRPSLFVYPEESLVIGSSTLFSALLIKCLEKEVAALCRY
TPRRNIPPYFVALVPQEEELDDQKIQVTPPGFQLVFLPFADDKRKMPFTEKIMATPEQVGKMKAIVEKLRFTYRSDSFEN
PVLQQHFRNLEALALDLMEPEQAVDLTLPKVEAMNKRLGSLVDEFKELVYPPDYNPEGKVTKRKHDNEGSGSKRPKVEYS
EEELKTHISKGTLGKFTVPMLKEACRAYGLKSGLKKQELLEALTKHFQD
;
A
2 'polypeptide(L)'
;MVRSGNKAAVVLCMDVGFTMSNSIPGIESPFEQAKKVITMFVQRQVFAENKDEIALVLFGTDGTDNPLSGGDQYQNITVH
RHLMLPDFDLLEDIESKIQPGSQQADFLDALIVSMDVIQHETIGKKFEKRHIEIFTDLSSRFSKSQLDIIIHSLKKCDIS
LQFFLPFSLGKEDGSGDRGDGPFRLGGHGPSFPLKGITEQQKEGLEIVKMVMISLEGEDGLDEIYSFSESLRKLCVFKKI
ERHSIHWPCRLTIGSNLSIRIAAYKSILQERVKKTWTVVDAKTLKKEDIQKETVYCLNDDDETEVLKEDIIQGFRYGSDI
VPFSKVDEEQMKYKSEGKCFSVLGFCKSSQVQRRFFMGNQVLKVFAARDDEAAAVALSSLIHALDDLDMVAIVRYAYDKR
ANPQVGVAFPHIKHNYECLVYVQLPFMEDLRQYMFSSLKNSKKYAPTEAQLNAVDALIDSMSLAKKDEKTDTLEDLFPTT
KIPNPRFQRLFQCLLHRALHPREPLPPIQQHIWNMLNPPAEVTTKSQIPLSKIKTLFPLIEAKKKDQVTAQEIFQDNHED
GPTAKKLKTEQGGAHFSVSSLAEGSVTSVGSVNPAENFRVLVKQKKASFEEASNQLINHIEQFLDTNETPYFMKSIDCIR
AFREEAIKFSEEQRFNNFLKALQEKVEIKQLNHFWEIVVQDGITLITKEEASGSSVTAEEAKKFLAPKDKPSGDTAAVFE
EGGDVDDLLDMI
;
B
3 'polypeptide(L)'
;MDPLSPPLCTLPPGPEPPRFVCYCEGEESGEGDRGGFNLYVTDAAELWSTCFTPDSLAALKARFGLSAAEDITPRFRAAC
EQQAVALTLQEDRASLTLSGGPSALAFDLSKVPGPEAAPRLRALTLGLAKRVWSLERRLAAAEETAVSPRKSPRPAGPQL
FLPDPDPQRGGPGPGVRRRCPGESLINPGFKSKKPAGGVDFDET
;
C
4 'polypeptide(L)'
;MEELEQGLLMQPWAWLQLAENSLLAKVFITKQGYALLVSDLQQVWHEQVDTSVVSQRAKELNKRLTAPPAAFLCHLDNLL
RPLLKDAAHPSEATFSCDCVADALILRVRSELSGLPFYWNFHCMLASPSLVSQHLIRPLMGMSLALQCQVRELATLLHMK
DLEIQDYQESGATLIRDRLKTEPFEENSFLEQFMIEKLPEACSIGDGKPFVMNLQDLYMAVTTQEVQVGQKHQGAGDPHT
SNSASLQGIDSQCVNQPEQLVSSAPTLSAPEKESTGTSGPLQRPQLSKVKRKKPRGLFS
;
F
5 'polydeoxyribonucleotide' (DA)(DT)(DC)(DC)(DC)(DT)(DC)(DT)(DA)(DG)(DA)(DT)(DA)(DT)(DC) D
6 'polydeoxyribonucleotide' (DG)(DA)(DT)(DA)(DT)(DC)(DT)(DA)(DG)(DA)(DG)(DG)(DG)(DA)(DT) E
#
loop_
_chem_comp.id
_chem_comp.type
_chem_comp.name
_chem_comp.formula
DA DNA linking 2'-DEOXYADENOSINE-5'-MONOPHOSPHATE 'C10 H14 N5 O6 P'
DC DNA linking 2'-DEOXYCYTIDINE-5'-MONOPHOSPHATE 'C9 H14 N3 O7 P'
DG DNA linking 2'-DEOXYGUANOSINE-5'-MONOPHOSPHATE 'C10 H14 N5 O7 P'
DT DNA linking THYMIDINE-5'-MONOPHOSPHATE 'C10 H15 N2 O8 P'
PO4 non-polymer 'PHOSPHATE ION' 'O4 P -3'
#
# COMPACT_ATOMS: atom_id res chain seq x y z
N GLY A 34 -24.49 5.54 -15.31
CA GLY A 34 -25.49 6.59 -15.31
C GLY A 34 -25.01 7.88 -14.67
N ARG A 35 -25.63 8.99 -15.04
CA ARG A 35 -25.27 10.31 -14.55
C ARG A 35 -26.42 10.91 -13.76
N ASP A 36 -26.11 11.45 -12.59
CA ASP A 36 -27.10 12.18 -11.81
C ASP A 36 -27.50 13.46 -12.55
N SER A 37 -28.79 13.80 -12.47
CA SER A 37 -29.31 15.00 -13.08
C SER A 37 -30.22 15.71 -12.10
N LEU A 38 -30.01 17.01 -11.92
CA LEU A 38 -30.77 17.82 -10.99
C LEU A 38 -31.15 19.14 -11.65
N ILE A 39 -32.39 19.57 -11.45
CA ILE A 39 -32.90 20.81 -12.00
C ILE A 39 -33.38 21.67 -10.85
N PHE A 40 -32.82 22.87 -10.75
CA PHE A 40 -33.28 23.85 -9.77
C PHE A 40 -34.39 24.70 -10.37
N LEU A 41 -35.48 24.86 -9.62
CA LEU A 41 -36.65 25.60 -10.08
C LEU A 41 -36.92 26.69 -9.05
N VAL A 42 -36.44 27.90 -9.34
CA VAL A 42 -36.53 29.03 -8.41
C VAL A 42 -37.68 29.92 -8.85
N ASP A 43 -38.54 30.27 -7.90
CA ASP A 43 -39.68 31.15 -8.14
C ASP A 43 -39.27 32.60 -7.93
N ALA A 44 -39.90 33.49 -8.70
CA ALA A 44 -39.78 34.92 -8.50
C ALA A 44 -41.12 35.60 -8.76
N SER A 45 -42.20 35.01 -8.24
CA SER A 45 -43.54 35.37 -8.67
C SER A 45 -43.92 36.81 -8.34
N LYS A 46 -44.11 37.13 -7.05
CA LYS A 46 -44.50 38.48 -6.67
C LYS A 46 -43.80 39.05 -5.44
N ALA A 47 -43.30 38.22 -4.53
CA ALA A 47 -42.87 38.75 -3.23
C ALA A 47 -41.60 38.11 -2.69
N MET A 48 -40.87 37.33 -3.49
CA MET A 48 -39.65 36.71 -3.00
C MET A 48 -38.47 37.68 -2.96
N PHE A 49 -38.72 38.97 -3.14
CA PHE A 49 -37.74 40.02 -2.86
C PHE A 49 -38.33 40.86 -1.74
N GLU A 50 -38.17 40.39 -0.50
CA GLU A 50 -38.76 40.99 0.68
C GLU A 50 -38.33 40.16 1.88
N SER A 51 -38.39 40.77 3.06
CA SER A 51 -38.10 40.05 4.30
C SER A 51 -38.93 40.65 5.43
N GLN A 52 -39.41 39.78 6.33
CA GLN A 52 -40.13 40.26 7.50
C GLN A 52 -39.22 41.08 8.41
N SER A 53 -37.94 40.71 8.48
CA SER A 53 -36.93 41.51 9.15
C SER A 53 -36.27 42.43 8.11
N GLU A 54 -35.19 43.10 8.50
CA GLU A 54 -34.46 43.98 7.60
C GLU A 54 -32.96 43.75 7.63
N ASP A 55 -32.49 42.73 8.34
CA ASP A 55 -31.06 42.44 8.44
C ASP A 55 -30.69 41.04 7.94
N GLU A 56 -31.66 40.23 7.54
CA GLU A 56 -31.39 38.87 7.08
C GLU A 56 -31.58 38.78 5.57
N LEU A 57 -31.13 37.65 5.02
CA LEU A 57 -31.16 37.45 3.57
C LEU A 57 -32.59 37.27 3.07
N THR A 58 -32.85 37.79 1.88
CA THR A 58 -34.14 37.59 1.23
C THR A 58 -34.24 36.13 0.76
N PRO A 59 -35.47 35.63 0.56
CA PRO A 59 -35.60 34.27 0.03
C PRO A 59 -34.90 34.06 -1.31
N PHE A 60 -34.88 35.07 -2.18
CA PHE A 60 -34.30 34.89 -3.51
C PHE A 60 -32.80 34.63 -3.43
N ASP A 61 -32.05 35.51 -2.75
CA ASP A 61 -30.61 35.36 -2.74
C ASP A 61 -30.16 34.22 -1.83
N MET A 62 -30.99 33.85 -0.86
CA MET A 62 -30.72 32.65 -0.07
C MET A 62 -30.77 31.41 -0.96
N SER A 63 -31.77 31.35 -1.84
CA SER A 63 -31.83 30.24 -2.80
C SER A 63 -30.66 30.28 -3.77
N ILE A 64 -30.27 31.48 -4.21
CA ILE A 64 -29.13 31.61 -5.12
C ILE A 64 -27.86 31.12 -4.45
N GLN A 65 -27.67 31.46 -3.17
CA GLN A 65 -26.50 30.98 -2.44
C GLN A 65 -26.51 29.47 -2.32
N CYS A 66 -27.68 28.88 -2.09
CA CYS A 66 -27.78 27.41 -2.03
C CYS A 66 -27.42 26.78 -3.36
N ILE A 67 -27.89 27.36 -4.46
CA ILE A 67 -27.58 26.82 -5.79
C ILE A 67 -26.09 26.90 -6.06
N GLN A 68 -25.46 28.04 -5.71
CA GLN A 68 -24.03 28.20 -5.93
C GLN A 68 -23.23 27.18 -5.12
N SER A 69 -23.68 26.89 -3.89
CA SER A 69 -22.99 25.90 -3.08
C SER A 69 -23.07 24.52 -3.70
N VAL A 70 -24.20 24.20 -4.34
CA VAL A 70 -24.34 22.89 -4.98
C VAL A 70 -23.40 22.78 -6.16
N TYR A 71 -23.27 23.84 -6.95
CA TYR A 71 -22.34 23.82 -8.08
C TYR A 71 -20.92 23.56 -7.62
N ILE A 72 -20.49 24.25 -6.55
CA ILE A 72 -19.14 24.05 -6.03
C ILE A 72 -18.98 22.63 -5.49
N SER A 73 -20.00 22.14 -4.77
CA SER A 73 -19.96 20.78 -4.26
C SER A 73 -19.95 19.76 -5.40
N LYS A 74 -20.77 19.99 -6.43
CA LYS A 74 -20.82 19.05 -7.55
C LYS A 74 -19.52 19.03 -8.33
N ILE A 75 -18.90 20.20 -8.53
CA ILE A 75 -17.66 20.27 -9.29
C ILE A 75 -16.57 19.43 -8.62
N ILE A 76 -16.44 19.56 -7.30
CA ILE A 76 -15.43 18.80 -6.58
C ILE A 76 -15.79 17.31 -6.56
N SER A 77 -17.07 17.00 -6.30
CA SER A 77 -17.46 15.61 -6.08
C SER A 77 -17.64 14.87 -7.41
N SER A 78 -18.60 15.30 -8.22
CA SER A 78 -18.96 14.60 -9.46
C SER A 78 -19.15 15.63 -10.57
N ASP A 79 -18.06 15.94 -11.28
CA ASP A 79 -18.14 16.88 -12.40
C ASP A 79 -18.91 16.32 -13.59
N ARG A 80 -19.21 15.03 -13.59
CA ARG A 80 -19.92 14.42 -14.71
C ARG A 80 -21.44 14.57 -14.61
N ASP A 81 -21.96 15.06 -13.49
CA ASP A 81 -23.39 15.21 -13.33
C ASP A 81 -23.92 16.37 -14.18
N LEU A 82 -25.24 16.42 -14.33
CA LEU A 82 -25.91 17.44 -15.11
C LEU A 82 -26.76 18.32 -14.20
N LEU A 83 -26.68 19.63 -14.42
CA LEU A 83 -27.35 20.60 -13.56
C LEU A 83 -27.96 21.69 -14.42
N ALA A 84 -29.02 22.31 -13.91
CA ALA A 84 -29.70 23.37 -14.63
C ALA A 84 -30.45 24.26 -13.65
N VAL A 85 -30.75 25.48 -14.10
CA VAL A 85 -31.50 26.45 -13.31
C VAL A 85 -32.62 27.01 -14.17
N VAL A 86 -33.85 26.95 -13.66
CA VAL A 86 -35.02 27.42 -14.38
C VAL A 86 -35.79 28.38 -13.48
N PHE A 87 -36.14 29.55 -14.03
CA PHE A 87 -36.95 30.54 -13.33
C PHE A 87 -38.34 30.59 -13.96
N TYR A 88 -39.37 30.64 -13.11
CA TYR A 88 -40.74 30.76 -13.59
C TYR A 88 -41.41 31.93 -12.88
N GLY A 89 -42.40 32.51 -13.57
CA GLY A 89 -43.08 33.68 -13.08
C GLY A 89 -42.59 35.00 -13.62
N THR A 90 -41.68 34.99 -14.59
CA THR A 90 -41.16 36.20 -15.19
C THR A 90 -42.05 36.63 -16.36
N GLU A 91 -41.67 37.73 -17.02
CA GLU A 91 -42.42 38.22 -18.17
C GLU A 91 -41.93 37.63 -19.48
N LYS A 92 -40.66 37.22 -19.54
CA LYS A 92 -40.06 36.72 -20.77
C LYS A 92 -40.08 35.19 -20.78
N ASP A 93 -39.48 34.61 -21.81
CA ASP A 93 -39.40 33.17 -21.93
C ASP A 93 -38.21 32.80 -22.82
N LYS A 94 -37.38 31.87 -22.34
CA LYS A 94 -36.23 31.38 -23.09
C LYS A 94 -36.20 29.86 -22.95
N ASN A 95 -36.87 29.19 -23.88
CA ASN A 95 -36.97 27.74 -23.84
C ASN A 95 -37.29 27.23 -25.23
N SER A 96 -37.06 25.93 -25.44
CA SER A 96 -37.33 25.29 -26.72
C SER A 96 -38.79 24.94 -26.91
N VAL A 97 -39.66 25.33 -25.98
CA VAL A 97 -41.08 25.03 -26.08
C VAL A 97 -41.93 26.28 -26.38
N ASN A 98 -41.40 27.47 -26.13
CA ASN A 98 -42.09 28.74 -26.42
C ASN A 98 -43.34 28.91 -25.56
N PHE A 99 -43.23 28.61 -24.27
CA PHE A 99 -44.27 28.87 -23.30
C PHE A 99 -43.88 30.08 -22.46
N LYS A 100 -44.77 31.06 -22.38
CA LYS A 100 -44.47 32.30 -21.70
C LYS A 100 -44.39 32.09 -20.19
N ASN A 101 -43.68 33.01 -19.53
CA ASN A 101 -43.52 33.12 -18.09
C ASN A 101 -42.59 32.06 -17.49
N ILE A 102 -41.90 31.28 -18.31
CA ILE A 102 -40.87 30.35 -17.83
C ILE A 102 -39.57 30.67 -18.55
N TYR A 103 -38.50 30.89 -17.78
CA TYR A 103 -37.19 31.20 -18.31
C TYR A 103 -36.21 30.12 -17.89
N VAL A 104 -35.44 29.61 -18.84
CA VAL A 104 -34.42 28.61 -18.59
C VAL A 104 -33.07 29.32 -18.67
N LEU A 105 -32.48 29.62 -17.52
CA LEU A 105 -31.19 30.30 -17.50
C LEU A 105 -30.08 29.40 -18.02
N GLN A 106 -30.08 28.13 -17.60
CA GLN A 106 -29.07 27.17 -18.03
C GLN A 106 -29.74 25.84 -18.32
N GLU A 107 -29.29 25.18 -19.39
CA GLU A 107 -29.79 23.85 -19.71
C GLU A 107 -28.99 22.80 -18.94
N LEU A 108 -29.40 21.55 -19.07
CA LEU A 108 -28.73 20.45 -18.39
C LEU A 108 -27.35 20.23 -19.00
N ASP A 109 -26.31 20.43 -18.20
CA ASP A 109 -24.94 20.27 -18.66
C ASP A 109 -24.05 20.14 -17.43
N ASN A 110 -22.79 19.80 -17.66
CA ASN A 110 -21.84 19.66 -16.58
C ASN A 110 -21.58 21.02 -15.92
N PRO A 111 -21.41 21.06 -14.61
CA PRO A 111 -21.15 22.34 -13.94
C PRO A 111 -19.79 22.92 -14.34
N GLY A 112 -19.70 24.24 -14.28
CA GLY A 112 -18.47 24.92 -14.64
C GLY A 112 -18.35 26.26 -13.93
N ALA A 113 -17.17 26.84 -14.03
CA ALA A 113 -16.92 28.13 -13.38
C ALA A 113 -17.73 29.25 -14.02
N LYS A 114 -17.97 29.18 -15.33
CA LYS A 114 -18.73 30.22 -16.01
C LYS A 114 -20.15 30.30 -15.49
N ARG A 115 -20.78 29.13 -15.25
CA ARG A 115 -22.17 29.13 -14.77
C ARG A 115 -22.27 29.73 -13.38
N ILE A 116 -21.30 29.44 -12.51
CA ILE A 116 -21.32 30.00 -11.16
C ILE A 116 -21.18 31.52 -11.21
N LEU A 117 -20.28 32.02 -12.05
CA LEU A 117 -20.09 33.46 -12.19
C LEU A 117 -21.35 34.12 -12.73
N GLU A 118 -22.05 33.45 -13.66
CA GLU A 118 -23.29 34.00 -14.20
C GLU A 118 -24.34 34.14 -13.11
N LEU A 119 -24.46 33.13 -12.24
CA LEU A 119 -25.42 33.22 -11.13
C LEU A 119 -25.01 34.27 -10.12
N ASP A 120 -23.72 34.60 -10.05
CA ASP A 120 -23.26 35.61 -9.11
C ASP A 120 -23.80 37.00 -9.44
N GLN A 121 -24.32 37.20 -10.65
CA GLN A 121 -24.87 38.49 -11.03
C GLN A 121 -26.13 38.84 -10.27
N PHE A 122 -26.75 37.88 -9.58
CA PHE A 122 -27.98 38.11 -8.84
C PHE A 122 -27.82 37.92 -7.33
N LYS A 123 -26.60 37.66 -6.86
CA LYS A 123 -26.39 37.36 -5.45
C LYS A 123 -26.52 38.62 -4.61
N GLY A 124 -27.52 38.63 -3.72
CA GLY A 124 -27.71 39.72 -2.78
C GLY A 124 -28.09 41.01 -3.48
N GLN A 125 -27.75 42.12 -2.82
CA GLN A 125 -28.03 43.44 -3.38
C GLN A 125 -27.10 43.71 -4.56
N GLN A 126 -27.44 44.74 -5.33
CA GLN A 126 -26.78 45.16 -6.56
C GLN A 126 -27.02 44.17 -7.70
N GLY A 127 -27.73 43.09 -7.46
CA GLY A 127 -28.07 42.13 -8.50
C GLY A 127 -29.57 41.91 -8.58
N GLN A 128 -30.28 42.27 -7.52
CA GLN A 128 -31.73 42.17 -7.54
C GLN A 128 -32.33 43.08 -8.60
N LYS A 129 -31.84 44.32 -8.69
CA LYS A 129 -32.28 45.22 -9.76
C LYS A 129 -31.83 44.73 -11.11
N ARG A 130 -30.63 44.14 -11.20
CA ARG A 130 -30.18 43.55 -12.45
C ARG A 130 -31.10 42.41 -12.87
N PHE A 131 -31.50 41.57 -11.92
CA PHE A 131 -32.47 40.52 -12.21
C PHE A 131 -33.82 41.13 -12.58
N GLN A 132 -34.21 42.21 -11.91
CA GLN A 132 -35.49 42.86 -12.17
C GLN A 132 -35.47 43.74 -13.41
N ASP A 133 -34.31 43.91 -14.05
CA ASP A 133 -34.23 44.62 -15.33
C ASP A 133 -34.15 43.67 -16.52
N MET A 134 -33.21 42.72 -16.48
CA MET A 134 -33.14 41.72 -17.55
C MET A 134 -34.34 40.78 -17.52
N MET A 135 -34.80 40.43 -16.33
CA MET A 135 -36.03 39.68 -16.11
C MET A 135 -36.97 40.57 -15.28
N GLY A 136 -38.06 39.98 -14.79
CA GLY A 136 -38.96 40.74 -13.94
C GLY A 136 -40.18 39.98 -13.45
N HIS A 137 -40.65 40.32 -12.26
CA HIS A 137 -41.86 39.74 -11.71
C HIS A 137 -43.08 40.56 -12.14
N GLY A 138 -44.25 39.93 -12.07
CA GLY A 138 -45.47 40.61 -12.41
C GLY A 138 -46.31 39.92 -13.46
N SER A 139 -46.06 38.62 -13.69
CA SER A 139 -46.80 37.84 -14.66
C SER A 139 -47.33 36.57 -14.01
N ASP A 140 -48.58 36.24 -14.31
CA ASP A 140 -49.19 35.03 -13.78
C ASP A 140 -48.51 33.80 -14.38
N TYR A 141 -48.45 32.74 -13.58
CA TYR A 141 -47.77 31.51 -13.97
C TYR A 141 -48.68 30.32 -13.70
N SER A 142 -48.55 29.30 -14.54
CA SER A 142 -49.25 28.04 -14.37
C SER A 142 -48.22 26.97 -14.02
N LEU A 143 -48.38 26.36 -12.85
CA LEU A 143 -47.40 25.37 -12.38
C LEU A 143 -47.41 24.13 -13.25
N SER A 144 -48.54 23.81 -13.88
CA SER A 144 -48.61 22.65 -14.76
C SER A 144 -47.69 22.80 -15.95
N GLU A 145 -47.66 23.99 -16.55
CA GLU A 145 -46.79 24.22 -17.70
C GLU A 145 -45.32 24.18 -17.31
N VAL A 146 -44.99 24.63 -16.10
CA VAL A 146 -43.60 24.63 -15.65
C VAL A 146 -43.05 23.21 -15.59
N LEU A 147 -43.84 22.28 -15.05
CA LEU A 147 -43.39 20.89 -15.01
C LEU A 147 -43.21 20.31 -16.40
N TRP A 148 -44.04 20.76 -17.36
CA TRP A 148 -43.87 20.32 -18.74
C TRP A 148 -42.53 20.76 -19.30
N VAL A 149 -42.11 21.99 -19.01
CA VAL A 149 -40.81 22.47 -19.46
C VAL A 149 -39.69 21.66 -18.84
N CYS A 150 -39.80 21.37 -17.54
CA CYS A 150 -38.78 20.55 -16.86
C CYS A 150 -38.72 19.15 -17.46
N ALA A 151 -39.88 18.57 -17.79
CA ALA A 151 -39.90 17.26 -18.41
C ALA A 151 -39.21 17.28 -19.77
N ASN A 152 -39.46 18.33 -20.56
CA ASN A 152 -38.82 18.43 -21.88
C ASN A 152 -37.31 18.59 -21.75
N LEU A 153 -36.86 19.30 -20.70
CA LEU A 153 -35.43 19.43 -20.47
C LEU A 153 -34.78 18.08 -20.21
N PHE A 154 -35.46 17.22 -19.45
CA PHE A 154 -34.91 15.89 -19.17
C PHE A 154 -34.82 15.06 -20.45
N SER A 155 -35.83 15.15 -21.32
CA SER A 155 -35.85 14.33 -22.53
C SER A 155 -34.74 14.72 -23.50
N ASP A 156 -34.26 15.96 -23.42
CA ASP A 156 -33.23 16.42 -24.35
C ASP A 156 -31.85 15.85 -24.06
N VAL A 157 -31.67 15.19 -22.91
CA VAL A 157 -30.37 14.66 -22.53
C VAL A 157 -30.04 13.44 -23.38
N GLN A 158 -28.83 13.43 -23.95
CA GLN A 158 -28.40 12.29 -24.74
C GLN A 158 -27.89 11.15 -23.86
N PHE A 159 -27.30 11.48 -22.72
CA PHE A 159 -26.73 10.46 -21.84
C PHE A 159 -27.84 9.74 -21.08
N LYS A 160 -27.44 8.70 -20.34
CA LYS A 160 -28.35 7.94 -19.49
C LYS A 160 -28.32 8.52 -18.09
N MET A 161 -29.50 8.80 -17.55
CA MET A 161 -29.64 9.46 -16.25
C MET A 161 -30.09 8.45 -15.21
N SER A 162 -29.28 8.27 -14.17
CA SER A 162 -29.67 7.37 -13.07
C SER A 162 -30.80 7.97 -12.24
N HIS A 163 -30.66 9.24 -11.88
CA HIS A 163 -31.66 9.94 -11.08
C HIS A 163 -32.04 11.25 -11.76
N LYS A 164 -33.34 11.55 -11.75
CA LYS A 164 -33.89 12.78 -12.30
C LYS A 164 -34.65 13.48 -11.18
N ARG A 165 -34.12 14.62 -10.73
CA ARG A 165 -34.65 15.32 -9.57
C ARG A 165 -35.00 16.75 -9.93
N ILE A 166 -36.01 17.29 -9.23
CA ILE A 166 -36.40 18.68 -9.34
C ILE A 166 -36.50 19.27 -7.94
N MET A 167 -35.87 20.42 -7.73
CA MET A 167 -35.87 21.09 -6.43
C MET A 167 -36.68 22.38 -6.55
N LEU A 168 -37.76 22.47 -5.79
CA LEU A 168 -38.62 23.65 -5.78
C LEU A 168 -38.13 24.65 -4.74
N PHE A 169 -37.95 25.89 -5.17
CA PHE A 169 -37.56 26.98 -4.28
C PHE A 169 -38.67 28.02 -4.30
N THR A 170 -39.61 27.91 -3.37
CA THR A 170 -40.75 28.81 -3.32
C THR A 170 -41.22 28.96 -1.88
N ASN A 171 -41.96 30.04 -1.63
CA ASN A 171 -42.50 30.33 -0.32
C ASN A 171 -43.91 30.88 -0.41
N GLU A 172 -44.68 30.45 -1.41
CA GLU A 172 -45.98 31.05 -1.67
C GLU A 172 -46.87 30.01 -2.34
N ASP A 173 -48.04 29.75 -1.75
CA ASP A 173 -48.89 28.64 -2.16
C ASP A 173 -50.34 29.10 -2.37
N ASN A 174 -50.54 30.40 -2.59
CA ASN A 174 -51.89 30.97 -2.70
C ASN A 174 -52.57 30.74 -4.06
N PRO A 175 -51.90 31.01 -5.20
CA PRO A 175 -52.65 31.05 -6.47
C PRO A 175 -53.35 29.76 -6.84
N HIS A 176 -52.86 28.61 -6.37
CA HIS A 176 -53.53 27.35 -6.67
C HIS A 176 -54.92 27.27 -6.05
N GLY A 177 -55.10 27.93 -4.90
CA GLY A 177 -56.42 28.00 -4.29
C GLY A 177 -57.38 28.93 -5.01
N ASN A 178 -56.85 29.89 -5.79
CA ASN A 178 -57.71 30.80 -6.52
C ASN A 178 -58.41 30.11 -7.68
N ASP A 179 -57.68 29.28 -8.44
CA ASP A 179 -58.22 28.56 -9.58
C ASP A 179 -57.99 27.07 -9.36
N SER A 180 -59.05 26.35 -9.00
CA SER A 180 -58.93 24.92 -8.78
C SER A 180 -58.78 24.15 -10.09
N ALA A 181 -59.24 24.74 -11.21
CA ALA A 181 -59.13 24.06 -12.49
C ALA A 181 -57.67 23.84 -12.88
N LYS A 182 -56.84 24.88 -12.78
CA LYS A 182 -55.42 24.71 -13.09
C LYS A 182 -54.69 24.00 -11.96
N ALA A 183 -55.21 24.09 -10.74
CA ALA A 183 -54.63 23.34 -9.62
C ALA A 183 -54.79 21.84 -9.85
N SER A 184 -55.95 21.41 -10.35
CA SER A 184 -56.15 20.00 -10.68
C SER A 184 -55.21 19.56 -11.80
N ARG A 185 -54.99 20.44 -12.78
CA ARG A 185 -54.04 20.13 -13.85
C ARG A 185 -52.63 19.98 -13.29
N ALA A 186 -52.26 20.81 -12.31
CA ALA A 186 -50.91 20.75 -11.75
C ALA A 186 -50.64 19.41 -11.09
N ARG A 187 -51.57 18.94 -10.25
CA ARG A 187 -51.38 17.63 -9.63
C ARG A 187 -51.51 16.50 -10.63
N THR A 188 -52.35 16.67 -11.65
CA THR A 188 -52.41 15.68 -12.72
C THR A 188 -51.09 15.58 -13.46
N LYS A 189 -50.48 16.73 -13.78
CA LYS A 189 -49.16 16.72 -14.39
C LYS A 189 -48.11 16.17 -13.44
N ALA A 190 -48.21 16.51 -12.15
CA ALA A 190 -47.24 16.00 -11.18
C ALA A 190 -47.27 14.49 -11.09
N GLY A 191 -48.47 13.89 -11.15
CA GLY A 191 -48.56 12.44 -11.19
C GLY A 191 -47.92 11.86 -12.44
N ASP A 192 -48.07 12.56 -13.57
CA ASP A 192 -47.44 12.10 -14.81
C ASP A 192 -45.92 12.10 -14.67
N LEU A 193 -45.37 13.15 -14.06
CA LEU A 193 -43.92 13.18 -13.84
C LEU A 193 -43.47 12.11 -12.87
N ARG A 194 -44.32 11.79 -11.88
CA ARG A 194 -43.95 10.79 -10.88
C ARG A 194 -43.77 9.42 -11.51
N ASP A 195 -44.70 9.01 -12.39
CA ASP A 195 -44.57 7.71 -13.05
C ASP A 195 -43.48 7.71 -14.11
N THR A 196 -43.10 8.88 -14.63
CA THR A 196 -42.02 8.95 -15.60
C THR A 196 -40.68 8.59 -14.97
N GLY A 197 -40.49 8.95 -13.71
CA GLY A 197 -39.24 8.69 -13.02
C GLY A 197 -38.65 9.95 -12.39
N ILE A 198 -39.47 10.99 -12.30
CA ILE A 198 -39.05 12.27 -11.76
C ILE A 198 -39.39 12.33 -10.28
N PHE A 199 -38.40 12.58 -9.44
CA PHE A 199 -38.57 12.65 -7.99
C PHE A 199 -38.52 14.12 -7.58
N LEU A 200 -39.68 14.76 -7.59
CA LEU A 200 -39.77 16.18 -7.27
C LEU A 200 -39.60 16.39 -5.77
N ASP A 201 -38.83 17.41 -5.41
CA ASP A 201 -38.59 17.79 -4.03
C ASP A 201 -39.13 19.18 -3.77
N LEU A 202 -39.02 19.62 -2.52
CA LEU A 202 -39.51 20.92 -2.09
C LEU A 202 -38.51 21.55 -1.13
N MET A 203 -38.26 22.85 -1.32
CA MET A 203 -37.38 23.62 -0.44
C MET A 203 -38.08 24.94 -0.15
N HIS A 204 -38.82 25.00 0.95
CA HIS A 204 -39.57 26.21 1.27
C HIS A 204 -38.64 27.32 1.76
N LEU A 205 -39.05 28.56 1.50
CA LEU A 205 -38.33 29.74 1.89
C LEU A 205 -39.14 30.53 2.92
N LYS A 206 -38.62 31.69 3.31
CA LYS A 206 -39.25 32.48 4.36
C LYS A 206 -40.60 33.03 3.90
N LYS A 207 -41.60 32.94 4.78
CA LYS A 207 -42.93 33.47 4.51
C LYS A 207 -43.68 33.67 5.82
N PRO A 208 -44.22 34.87 6.06
CA PRO A 208 -44.97 35.10 7.30
C PRO A 208 -46.20 34.21 7.39
N GLY A 209 -46.53 33.80 8.61
CA GLY A 209 -47.69 32.96 8.84
C GLY A 209 -47.48 31.48 8.59
N GLY A 210 -46.24 31.06 8.32
CA GLY A 210 -45.95 29.67 8.05
C GLY A 210 -46.12 29.32 6.59
N PHE A 211 -45.67 28.12 6.24
CA PHE A 211 -45.69 27.64 4.86
C PHE A 211 -46.96 26.83 4.55
N ASP A 212 -47.89 26.72 5.49
CA ASP A 212 -49.21 26.10 5.34
C ASP A 212 -49.19 24.91 4.38
N ILE A 213 -48.33 23.95 4.72
CA ILE A 213 -48.17 22.76 3.89
C ILE A 213 -49.48 21.97 3.85
N SER A 214 -49.70 21.25 2.76
CA SER A 214 -50.84 20.38 2.45
C SER A 214 -52.06 21.17 2.01
N LEU A 215 -52.00 22.51 1.97
CA LEU A 215 -53.10 23.28 1.38
C LEU A 215 -53.25 22.96 -0.10
N PHE A 216 -52.13 22.87 -0.82
CA PHE A 216 -52.13 22.44 -2.21
C PHE A 216 -51.12 21.32 -2.41
N TYR A 217 -50.06 21.33 -1.61
CA TYR A 217 -49.01 20.32 -1.70
C TYR A 217 -49.45 19.04 -0.98
N ARG A 218 -48.48 18.18 -0.67
CA ARG A 218 -48.61 16.86 -0.06
C ARG A 218 -49.03 15.83 -1.12
N ASP A 219 -49.25 16.25 -2.36
CA ASP A 219 -49.50 15.33 -3.47
C ASP A 219 -48.62 15.57 -4.68
N ILE A 220 -47.96 16.72 -4.79
CA ILE A 220 -47.02 16.95 -5.88
C ILE A 220 -45.65 16.39 -5.53
N ILE A 221 -45.19 16.63 -4.30
CA ILE A 221 -43.86 16.17 -3.88
C ILE A 221 -43.86 14.65 -3.75
N SER A 222 -42.64 14.10 -3.65
CA SER A 222 -42.47 12.67 -3.48
C SER A 222 -43.01 12.15 -2.16
N ILE A 223 -43.24 13.05 -1.18
CA ILE A 223 -43.80 12.75 0.14
C ILE A 223 -43.23 11.46 0.70
N ALA A 224 -41.92 11.28 0.57
CA ALA A 224 -41.27 10.06 1.07
C ALA A 224 -41.40 9.96 2.58
N GLU A 225 -41.22 11.07 3.29
CA GLU A 225 -41.30 11.09 4.75
C GLU A 225 -41.43 12.56 5.18
N ASP A 226 -41.35 12.79 6.49
CA ASP A 226 -41.43 14.13 7.08
C ASP A 226 -42.75 14.82 6.72
N GLU A 227 -43.84 14.15 7.07
CA GLU A 227 -45.19 14.69 6.86
C GLU A 227 -45.65 15.49 8.07
N ASP A 228 -44.84 16.46 8.48
CA ASP A 228 -45.15 17.28 9.66
C ASP A 228 -46.25 18.27 9.32
N LEU A 229 -47.35 18.19 10.07
CA LEU A 229 -48.48 19.09 9.85
C LEU A 229 -48.18 20.53 10.28
N ARG A 230 -47.09 20.75 11.01
CA ARG A 230 -46.72 22.10 11.41
C ARG A 230 -46.40 22.95 10.18
N VAL A 231 -46.72 24.23 10.26
CA VAL A 231 -46.53 25.15 9.15
C VAL A 231 -45.05 25.49 9.01
N HIS A 232 -44.24 25.04 9.96
CA HIS A 232 -42.79 25.22 9.94
C HIS A 232 -42.44 26.71 9.91
N PHE A 233 -42.76 27.37 11.03
CA PHE A 233 -42.43 28.79 11.18
C PHE A 233 -40.97 29.06 10.87
N GLU A 234 -40.07 28.17 11.29
CA GLU A 234 -38.70 28.19 10.81
C GLU A 234 -38.69 27.64 9.39
N GLU A 235 -38.30 28.49 8.44
CA GLU A 235 -38.47 28.20 7.01
C GLU A 235 -37.21 27.64 6.37
N SER A 236 -36.44 26.84 7.12
CA SER A 236 -35.24 26.20 6.58
C SER A 236 -35.21 24.78 7.15
N SER A 237 -35.76 23.82 6.39
CA SER A 237 -35.85 22.44 6.83
C SER A 237 -34.58 21.65 6.48
N LYS A 238 -34.26 21.57 5.18
CA LYS A 238 -33.09 20.83 4.72
C LYS A 238 -32.17 21.71 3.88
N LEU A 239 -32.17 23.01 4.15
CA LEU A 239 -31.21 23.89 3.49
C LEU A 239 -29.88 23.96 4.23
N GLU A 240 -29.83 23.47 5.47
CA GLU A 240 -28.59 23.52 6.24
C GLU A 240 -27.54 22.59 5.64
N ASP A 241 -27.91 21.33 5.37
CA ASP A 241 -26.97 20.40 4.77
C ASP A 241 -26.73 20.72 3.30
N LEU A 242 -27.69 21.38 2.65
CA LEU A 242 -27.50 21.80 1.26
C LEU A 242 -26.37 22.82 1.17
N LEU A 243 -26.31 23.76 2.13
CA LEU A 243 -25.24 24.75 2.15
C LEU A 243 -23.92 24.15 2.61
N ARG A 244 -23.94 22.99 3.24
CA ARG A 244 -22.70 22.35 3.70
C ARG A 244 -21.92 21.85 2.49
N LYS A 245 -20.81 22.51 2.20
CA LYS A 245 -20.02 22.16 1.04
C LYS A 245 -19.36 20.80 1.24
N VAL A 246 -19.38 19.98 0.19
CA VAL A 246 -18.75 18.66 0.21
C VAL A 246 -17.47 18.73 -0.62
N ARG A 247 -16.36 18.32 -0.03
CA ARG A 247 -15.05 18.35 -0.68
C ARG A 247 -14.45 16.95 -0.61
N ALA A 248 -14.81 16.11 -1.57
CA ALA A 248 -14.32 14.74 -1.65
C ALA A 248 -14.55 14.23 -3.06
N LYS A 249 -13.81 13.18 -3.42
CA LYS A 249 -13.92 12.65 -4.78
C LYS A 249 -15.26 11.94 -4.99
N GLU A 250 -15.73 11.19 -3.99
CA GLU A 250 -17.00 10.48 -4.04
C GLU A 250 -17.07 9.57 -5.26
N THR A 251 -16.15 8.60 -5.30
CA THR A 251 -16.09 7.66 -6.41
C THR A 251 -17.18 6.59 -6.25
N ARG A 252 -17.80 6.22 -7.37
CA ARG A 252 -18.84 5.22 -7.34
C ARG A 252 -18.24 3.82 -7.29
N LYS A 253 -19.08 2.84 -6.92
CA LYS A 253 -18.61 1.48 -6.72
C LYS A 253 -18.24 0.84 -8.05
N ARG A 254 -17.06 0.22 -8.08
CA ARG A 254 -16.61 -0.56 -9.23
C ARG A 254 -15.59 -1.57 -8.76
N ALA A 255 -15.58 -2.75 -9.40
CA ALA A 255 -14.69 -3.81 -8.98
C ALA A 255 -13.27 -3.54 -9.48
N LEU A 256 -12.30 -3.66 -8.58
CA LEU A 256 -10.90 -3.52 -8.98
C LEU A 256 -10.49 -4.63 -9.94
N SER A 257 -10.92 -5.85 -9.67
CA SER A 257 -10.63 -6.98 -10.54
C SER A 257 -11.68 -8.06 -10.30
N ARG A 258 -11.81 -8.96 -11.27
CA ARG A 258 -12.72 -10.10 -11.19
C ARG A 258 -11.89 -11.36 -11.36
N LEU A 259 -11.49 -11.96 -10.23
CA LEU A 259 -10.59 -13.10 -10.22
C LEU A 259 -11.36 -14.37 -9.91
N LYS A 260 -10.63 -15.47 -9.89
CA LYS A 260 -11.20 -16.79 -9.58
C LYS A 260 -10.47 -17.35 -8.36
N LEU A 261 -11.23 -17.68 -7.32
CA LEU A 261 -10.68 -18.29 -6.12
C LEU A 261 -10.69 -19.80 -6.31
N LYS A 262 -9.50 -20.39 -6.33
CA LYS A 262 -9.33 -21.81 -6.65
C LYS A 262 -8.95 -22.56 -5.39
N LEU A 263 -9.90 -23.35 -4.87
CA LEU A 263 -9.56 -24.27 -3.77
C LEU A 263 -8.57 -25.32 -4.24
N ASN A 264 -8.76 -25.84 -5.44
CA ASN A 264 -7.80 -26.72 -6.09
C ASN A 264 -7.90 -26.50 -7.59
N LYS A 265 -7.37 -27.43 -8.38
CA LYS A 265 -7.31 -27.24 -9.83
C LYS A 265 -8.68 -27.29 -10.50
N ASP A 266 -9.70 -27.86 -9.84
CA ASP A 266 -10.99 -28.04 -10.48
C ASP A 266 -12.17 -27.46 -9.70
N ILE A 267 -11.96 -26.97 -8.49
CA ILE A 267 -13.01 -26.29 -7.72
C ILE A 267 -12.71 -24.80 -7.79
N VAL A 268 -13.48 -24.08 -8.60
CA VAL A 268 -13.22 -22.67 -8.89
C VAL A 268 -14.49 -21.88 -8.60
N ILE A 269 -14.34 -20.80 -7.83
CA ILE A 269 -15.41 -19.85 -7.60
C ILE A 269 -14.92 -18.47 -8.01
N SER A 270 -15.87 -17.60 -8.36
CA SER A 270 -15.57 -16.27 -8.86
C SER A 270 -15.84 -15.24 -7.77
N VAL A 271 -14.87 -14.36 -7.53
CA VAL A 271 -14.97 -13.32 -6.52
C VAL A 271 -14.58 -11.99 -7.13
N GLY A 272 -15.00 -10.91 -6.49
CA GLY A 272 -14.66 -9.57 -6.91
C GLY A 272 -13.77 -8.91 -5.88
N ILE A 273 -12.82 -8.11 -6.35
CA ILE A 273 -11.84 -7.43 -5.51
C ILE A 273 -12.19 -5.95 -5.49
N TYR A 274 -12.31 -5.39 -4.29
CA TYR A 274 -12.60 -3.98 -4.11
C TYR A 274 -11.61 -3.37 -3.12
N ASN A 275 -11.36 -2.08 -3.28
CA ASN A 275 -10.49 -1.33 -2.37
C ASN A 275 -11.36 -0.36 -1.58
N LEU A 276 -11.50 -0.61 -0.28
CA LEU A 276 -12.30 0.24 0.58
C LEU A 276 -11.55 1.48 1.05
N VAL A 277 -10.22 1.50 0.91
CA VAL A 277 -9.41 2.66 1.21
C VAL A 277 -8.46 2.91 0.04
N GLN A 278 -8.37 4.16 -0.40
CA GLN A 278 -7.52 4.52 -1.52
C GLN A 278 -6.99 5.93 -1.29
N LYS A 279 -5.68 6.10 -1.45
CA LYS A 279 -5.06 7.39 -1.21
C LYS A 279 -5.55 8.41 -2.22
N ALA A 280 -6.26 9.44 -1.75
CA ALA A 280 -6.72 10.52 -2.61
C ALA A 280 -5.54 11.39 -3.00
N LEU A 281 -5.44 11.72 -4.27
CA LEU A 281 -4.31 12.46 -4.82
C LEU A 281 -4.80 13.76 -5.46
N LYS A 282 -3.91 14.73 -5.52
CA LYS A 282 -4.21 15.96 -6.24
C LYS A 282 -4.40 15.65 -7.72
N PRO A 283 -5.38 16.26 -8.37
CA PRO A 283 -5.57 16.04 -9.80
C PRO A 283 -4.33 16.43 -10.58
N PRO A 284 -3.97 15.66 -11.60
CA PRO A 284 -2.76 15.96 -12.37
C PRO A 284 -2.89 17.30 -13.09
N PRO A 285 -1.81 18.09 -13.14
CA PRO A 285 -1.87 19.34 -13.88
C PRO A 285 -1.99 19.10 -15.37
N ILE A 286 -2.57 20.07 -16.06
CA ILE A 286 -2.82 19.99 -17.50
C ILE A 286 -1.92 21.01 -18.20
N LYS A 287 -1.25 20.57 -19.26
CA LYS A 287 -0.43 21.48 -20.05
C LYS A 287 -1.32 22.32 -20.95
N LEU A 288 -1.13 23.64 -20.89
CA LEU A 288 -1.94 24.58 -21.64
C LEU A 288 -1.06 25.42 -22.57
N TYR A 289 -1.62 25.77 -23.72
CA TYR A 289 -0.91 26.64 -24.65
C TYR A 289 -0.84 28.05 -24.06
N ARG A 290 0.06 28.87 -24.62
CA ARG A 290 0.38 30.14 -23.99
C ARG A 290 -0.79 31.12 -24.04
N GLU A 291 -1.25 31.47 -25.25
CA GLU A 291 -2.25 32.53 -25.40
C GLU A 291 -3.66 31.99 -25.61
N THR A 292 -3.83 31.00 -26.49
CA THR A 292 -5.16 30.48 -26.77
C THR A 292 -5.70 29.59 -25.66
N ASN A 293 -4.84 29.11 -24.77
CA ASN A 293 -5.24 28.34 -23.59
C ASN A 293 -6.05 27.10 -23.97
N GLU A 294 -5.40 26.21 -24.71
CA GLU A 294 -5.99 24.94 -25.09
C GLU A 294 -5.08 23.80 -24.68
N PRO A 295 -5.65 22.66 -24.27
CA PRO A 295 -4.81 21.52 -23.89
C PRO A 295 -4.00 21.02 -25.08
N VAL A 296 -2.79 20.55 -24.78
CA VAL A 296 -1.87 20.04 -25.80
C VAL A 296 -1.52 18.59 -25.46
N LYS A 297 -1.59 17.74 -26.47
CA LYS A 297 -1.23 16.33 -26.30
C LYS A 297 0.29 16.18 -26.37
N THR A 298 0.83 15.35 -25.48
CA THR A 298 2.27 15.13 -25.39
C THR A 298 2.58 13.65 -25.54
N LYS A 299 3.67 13.37 -26.25
CA LYS A 299 4.16 12.00 -26.41
C LYS A 299 5.68 12.00 -26.31
N THR A 300 6.22 10.87 -25.88
CA THR A 300 7.65 10.71 -25.68
C THR A 300 8.22 9.88 -26.82
N ARG A 301 9.23 10.42 -27.51
CA ARG A 301 9.91 9.74 -28.60
C ARG A 301 11.37 9.54 -28.25
N THR A 302 11.92 8.40 -28.68
CA THR A 302 13.32 8.07 -28.44
C THR A 302 14.06 8.06 -29.77
N PHE A 303 15.15 8.81 -29.85
CA PHE A 303 15.92 8.94 -31.07
C PHE A 303 17.40 8.79 -30.76
N ASN A 304 18.14 8.20 -31.70
CA ASN A 304 19.58 8.07 -31.56
C ASN A 304 20.25 9.40 -31.87
N THR A 305 21.15 9.83 -30.98
CA THR A 305 21.82 11.12 -31.17
C THR A 305 22.86 11.09 -32.27
N SER A 306 23.27 9.90 -32.72
CA SER A 306 24.28 9.81 -33.76
C SER A 306 23.75 10.26 -35.12
N THR A 307 22.50 9.92 -35.44
CA THR A 307 21.92 10.26 -36.73
C THR A 307 20.74 11.21 -36.66
N GLY A 308 20.11 11.37 -35.49
CA GLY A 308 18.98 12.26 -35.36
C GLY A 308 17.68 11.75 -35.92
N GLY A 309 17.58 10.46 -36.23
CA GLY A 309 16.37 9.90 -36.77
C GLY A 309 15.36 9.54 -35.70
N LEU A 310 14.83 8.32 -35.74
CA LEU A 310 13.91 7.84 -34.73
C LEU A 310 14.15 6.35 -34.52
N LEU A 311 13.79 5.88 -33.32
CA LEU A 311 14.01 4.49 -32.93
C LEU A 311 12.68 3.87 -32.52
N LEU A 312 12.34 2.74 -33.15
CA LEU A 312 11.15 2.00 -32.78
C LEU A 312 11.39 1.28 -31.46
N PRO A 313 10.32 0.92 -30.74
CA PRO A 313 10.50 0.17 -29.49
C PRO A 313 11.13 -1.20 -29.70
N SER A 314 11.09 -1.75 -30.91
CA SER A 314 11.72 -3.02 -31.22
C SER A 314 13.16 -2.89 -31.65
N ASP A 315 13.70 -1.66 -31.66
CA ASP A 315 15.08 -1.41 -32.09
C ASP A 315 16.00 -1.14 -30.91
N THR A 316 15.57 -1.46 -29.70
CA THR A 316 16.38 -1.24 -28.50
C THR A 316 16.34 -2.49 -27.63
N LYS A 317 17.36 -2.63 -26.78
CA LYS A 317 17.48 -3.76 -25.88
C LYS A 317 17.77 -3.26 -24.48
N ARG A 318 17.28 -3.99 -23.48
CA ARG A 318 17.54 -3.68 -22.09
C ARG A 318 18.83 -4.34 -21.64
N SER A 319 19.57 -3.66 -20.77
CA SER A 319 20.88 -4.12 -20.34
C SER A 319 21.07 -3.88 -18.86
N GLN A 320 21.90 -4.72 -18.25
CA GLN A 320 22.31 -4.58 -16.85
C GLN A 320 23.77 -4.98 -16.73
N ILE A 321 24.44 -4.46 -15.71
CA ILE A 321 25.84 -4.70 -15.47
C ILE A 321 26.01 -5.40 -14.14
N TYR A 322 26.65 -6.57 -14.14
CA TYR A 322 26.96 -7.30 -12.94
C TYR A 322 28.37 -7.87 -13.07
N GLY A 323 29.14 -7.79 -11.99
CA GLY A 323 30.54 -8.16 -12.08
C GLY A 323 31.26 -7.22 -13.02
N SER A 324 31.91 -7.79 -14.03
CA SER A 324 32.56 -7.02 -15.08
C SER A 324 31.99 -7.36 -16.45
N ARG A 325 30.73 -7.78 -16.49
CA ARG A 325 30.08 -8.23 -17.70
C ARG A 325 28.77 -7.48 -17.89
N GLN A 326 28.44 -7.19 -19.14
CA GLN A 326 27.18 -6.54 -19.50
C GLN A 326 26.21 -7.59 -20.02
N ILE A 327 25.03 -7.66 -19.42
CA ILE A 327 24.01 -8.64 -19.76
C ILE A 327 22.93 -7.96 -20.59
N ILE A 328 22.61 -8.54 -21.74
CA ILE A 328 21.68 -7.96 -22.69
C ILE A 328 20.43 -8.83 -22.76
N LEU A 329 19.26 -8.22 -22.63
CA LEU A 329 17.99 -8.91 -22.72
C LEU A 329 17.05 -8.13 -23.62
N GLU A 330 16.17 -8.85 -24.32
CA GLU A 330 15.16 -8.22 -25.14
C GLU A 330 14.03 -7.68 -24.26
N LYS A 331 13.22 -6.79 -24.86
CA LYS A 331 12.08 -6.25 -24.14
C LYS A 331 11.08 -7.34 -23.79
N GLU A 332 10.82 -8.26 -24.72
CA GLU A 332 9.90 -9.35 -24.45
C GLU A 332 10.41 -10.26 -23.34
N GLU A 333 11.71 -10.58 -23.36
CA GLU A 333 12.28 -11.45 -22.34
C GLU A 333 12.21 -10.80 -20.96
N THR A 334 12.32 -9.47 -20.91
CA THR A 334 12.19 -8.77 -19.63
C THR A 334 10.79 -8.96 -19.05
N GLU A 335 9.76 -8.93 -19.90
CA GLU A 335 8.40 -9.11 -19.41
C GLU A 335 8.11 -10.58 -19.10
N GLU A 336 8.72 -11.50 -19.85
CA GLU A 336 8.41 -12.92 -19.67
C GLU A 336 9.03 -13.48 -18.40
N LEU A 337 10.00 -12.79 -17.80
CA LEU A 337 10.55 -13.31 -16.55
C LEU A 337 9.75 -12.92 -15.34
N LYS A 338 8.65 -12.18 -15.53
CA LYS A 338 7.75 -11.84 -14.44
C LYS A 338 6.53 -12.76 -14.37
N ARG A 339 6.43 -13.73 -15.28
CA ARG A 339 5.25 -14.58 -15.37
C ARG A 339 5.43 -15.82 -14.50
N PHE A 340 4.58 -15.95 -13.49
CA PHE A 340 4.58 -17.13 -12.62
C PHE A 340 3.29 -17.93 -12.73
N ASP A 341 2.14 -17.30 -12.53
CA ASP A 341 0.86 -17.99 -12.48
C ASP A 341 -0.19 -17.18 -13.23
N ASP A 342 -1.29 -17.85 -13.56
CA ASP A 342 -2.45 -17.18 -14.13
C ASP A 342 -3.12 -16.32 -13.07
N PRO A 343 -3.77 -15.23 -13.46
CA PRO A 343 -4.43 -14.35 -12.47
C PRO A 343 -5.50 -15.10 -11.70
N GLY A 344 -5.59 -14.81 -10.42
CA GLY A 344 -6.56 -15.42 -9.53
C GLY A 344 -5.97 -15.65 -8.17
N LEU A 345 -6.73 -16.31 -7.31
CA LEU A 345 -6.32 -16.66 -5.96
C LEU A 345 -6.30 -18.17 -5.82
N MET A 346 -5.19 -18.71 -5.32
CA MET A 346 -5.03 -20.14 -5.11
C MET A 346 -4.92 -20.41 -3.61
N LEU A 347 -5.80 -21.27 -3.10
CA LEU A 347 -5.86 -21.54 -1.68
C LEU A 347 -4.69 -22.43 -1.27
N MET A 348 -3.85 -21.93 -0.37
CA MET A 348 -2.73 -22.71 0.16
C MET A 348 -3.13 -23.49 1.41
N GLY A 349 -3.87 -22.85 2.31
CA GLY A 349 -4.28 -23.51 3.52
C GLY A 349 -5.00 -22.55 4.44
N PHE A 350 -5.24 -22.99 5.67
CA PHE A 350 -5.90 -22.17 6.68
C PHE A 350 -4.97 -21.99 7.87
N LYS A 351 -4.84 -20.75 8.33
CA LYS A 351 -3.93 -20.39 9.40
C LYS A 351 -4.69 -19.73 10.53
N PRO A 352 -4.36 -20.04 11.78
CA PRO A 352 -5.01 -19.37 12.91
C PRO A 352 -4.75 -17.87 12.89
N LEU A 353 -5.74 -17.10 13.36
CA LEU A 353 -5.64 -15.66 13.34
C LEU A 353 -4.56 -15.11 14.25
N VAL A 354 -4.17 -15.86 15.29
CA VAL A 354 -3.14 -15.40 16.21
C VAL A 354 -1.75 -15.40 15.59
N LEU A 355 -1.58 -16.05 14.44
CA LEU A 355 -0.29 -16.09 13.76
C LEU A 355 -0.08 -14.91 12.82
N LEU A 356 -1.04 -14.00 12.72
CA LEU A 356 -0.92 -12.81 11.90
C LEU A 356 -0.50 -11.64 12.79
N LYS A 357 0.64 -11.03 12.47
CA LYS A 357 1.18 -9.96 13.29
C LYS A 357 0.67 -8.61 12.81
N LYS A 358 0.23 -7.78 13.77
CA LYS A 358 -0.31 -6.47 13.43
C LYS A 358 0.75 -5.54 12.85
N HIS A 359 2.00 -5.71 13.26
CA HIS A 359 3.10 -4.87 12.77
C HIS A 359 3.67 -5.35 11.45
N HIS A 360 3.16 -6.45 10.90
CA HIS A 360 3.60 -6.96 9.60
C HIS A 360 2.70 -6.43 8.49
N TYR A 361 2.64 -5.10 8.39
CA TYR A 361 1.83 -4.42 7.39
C TYR A 361 2.68 -4.05 6.20
N LEU A 362 2.17 -4.33 5.00
CA LEU A 362 2.91 -4.08 3.76
C LEU A 362 2.25 -3.02 2.89
N ARG A 363 0.96 -3.17 2.61
CA ARG A 363 0.25 -2.26 1.72
C ARG A 363 -1.24 -2.32 2.07
N PRO A 364 -2.02 -1.33 1.66
CA PRO A 364 -3.43 -1.29 2.07
C PRO A 364 -4.18 -2.56 1.66
N SER A 365 -5.07 -2.99 2.55
CA SER A 365 -5.81 -4.23 2.33
C SER A 365 -6.92 -4.02 1.32
N LEU A 366 -7.41 -5.13 0.77
CA LEU A 366 -8.49 -5.14 -0.20
C LEU A 366 -9.68 -5.90 0.37
N PHE A 367 -10.78 -5.90 -0.37
CA PHE A 367 -12.02 -6.54 0.05
C PHE A 367 -12.42 -7.56 -1.01
N VAL A 368 -12.82 -8.75 -0.56
CA VAL A 368 -13.17 -9.85 -1.45
C VAL A 368 -14.66 -10.16 -1.25
N TYR A 369 -15.41 -10.11 -2.33
CA TYR A 369 -16.85 -10.39 -2.32
C TYR A 369 -17.19 -11.32 -3.47
N PRO A 370 -18.11 -12.25 -3.26
CA PRO A 370 -18.46 -13.20 -4.33
C PRO A 370 -19.15 -12.49 -5.49
N GLU A 371 -18.98 -13.08 -6.68
CA GLU A 371 -19.56 -12.57 -7.91
C GLU A 371 -20.33 -13.69 -8.59
N GLU A 372 -21.66 -13.58 -8.60
CA GLU A 372 -22.51 -14.62 -9.18
C GLU A 372 -22.70 -14.47 -10.68
N SER A 373 -22.20 -13.39 -11.28
CA SER A 373 -22.36 -13.18 -12.71
C SER A 373 -21.37 -13.96 -13.55
N LEU A 374 -20.39 -14.62 -12.93
CA LEU A 374 -19.39 -15.41 -13.64
C LEU A 374 -19.55 -16.90 -13.41
N VAL A 375 -19.56 -17.33 -12.15
CA VAL A 375 -19.74 -18.73 -11.80
C VAL A 375 -20.98 -18.83 -10.92
N ILE A 376 -21.96 -19.61 -11.36
CA ILE A 376 -23.20 -19.78 -10.61
C ILE A 376 -22.94 -20.73 -9.45
N GLY A 377 -23.32 -20.31 -8.25
CA GLY A 377 -23.09 -21.07 -7.05
C GLY A 377 -21.91 -20.63 -6.23
N SER A 378 -21.23 -19.55 -6.62
CA SER A 378 -20.09 -19.07 -5.86
C SER A 378 -20.49 -18.50 -4.51
N SER A 379 -21.67 -17.85 -4.44
CA SER A 379 -22.11 -17.24 -3.19
C SER A 379 -22.35 -18.29 -2.10
N THR A 380 -22.91 -19.44 -2.47
CA THR A 380 -23.19 -20.49 -1.49
C THR A 380 -21.91 -21.01 -0.87
N LEU A 381 -20.88 -21.24 -1.69
CA LEU A 381 -19.60 -21.72 -1.15
C LEU A 381 -18.88 -20.59 -0.41
N PHE A 382 -19.00 -19.36 -0.89
CA PHE A 382 -18.35 -18.24 -0.23
C PHE A 382 -18.92 -18.01 1.17
N SER A 383 -20.25 -18.10 1.30
CA SER A 383 -20.88 -17.92 2.61
C SER A 383 -20.51 -19.05 3.56
N ALA A 384 -20.44 -20.28 3.05
CA ALA A 384 -20.05 -21.41 3.90
C ALA A 384 -18.63 -21.25 4.42
N LEU A 385 -17.72 -20.80 3.56
CA LEU A 385 -16.35 -20.56 4.01
C LEU A 385 -16.30 -19.43 5.03
N LEU A 386 -17.07 -18.37 4.81
CA LEU A 386 -17.08 -17.24 5.73
C LEU A 386 -17.61 -17.64 7.11
N ILE A 387 -18.66 -18.47 7.14
CA ILE A 387 -19.27 -18.85 8.40
C ILE A 387 -18.33 -19.69 9.23
N LYS A 388 -17.73 -20.72 8.62
CA LYS A 388 -16.85 -21.60 9.36
C LYS A 388 -15.55 -20.91 9.77
N CYS A 389 -15.04 -20.02 8.91
CA CYS A 389 -13.82 -19.30 9.25
C CYS A 389 -14.01 -18.43 10.49
N LEU A 390 -15.16 -17.76 10.59
CA LEU A 390 -15.45 -16.96 11.78
C LEU A 390 -15.57 -17.84 13.01
N GLU A 391 -16.22 -19.00 12.87
CA GLU A 391 -16.42 -19.88 14.02
C GLU A 391 -15.09 -20.42 14.56
N LYS A 392 -14.20 -20.83 13.67
CA LYS A 392 -12.93 -21.44 14.06
C LYS A 392 -11.80 -20.44 14.18
N GLU A 393 -12.05 -19.17 13.85
CA GLU A 393 -11.04 -18.10 13.97
C GLU A 393 -9.77 -18.46 13.21
N VAL A 394 -9.93 -18.64 11.90
CA VAL A 394 -8.82 -18.97 11.01
C VAL A 394 -8.86 -18.04 9.81
N ALA A 395 -7.72 -17.92 9.15
CA ALA A 395 -7.57 -17.09 7.96
C ALA A 395 -7.10 -17.94 6.80
N ALA A 396 -7.72 -17.76 5.64
CA ALA A 396 -7.38 -18.53 4.45
C ALA A 396 -6.16 -17.89 3.79
N LEU A 397 -5.03 -18.59 3.82
CA LEU A 397 -3.81 -18.10 3.20
C LEU A 397 -3.82 -18.49 1.72
N CYS A 398 -3.63 -17.51 0.84
CA CYS A 398 -3.73 -17.73 -0.59
C CYS A 398 -2.56 -17.07 -1.30
N ARG A 399 -2.35 -17.48 -2.54
CA ARG A 399 -1.37 -16.88 -3.43
C ARG A 399 -2.10 -15.95 -4.40
N TYR A 400 -1.71 -14.68 -4.40
CA TYR A 400 -2.46 -13.63 -5.07
C TYR A 400 -1.69 -13.14 -6.29
N THR A 401 -2.34 -13.22 -7.45
CA THR A 401 -1.81 -12.67 -8.70
C THR A 401 -2.86 -11.73 -9.27
N PRO A 402 -2.73 -10.42 -9.04
CA PRO A 402 -3.81 -9.49 -9.43
C PRO A 402 -4.12 -9.50 -10.92
N ARG A 403 -3.12 -9.65 -11.77
CA ARG A 403 -3.33 -9.65 -13.21
C ARG A 403 -2.16 -10.37 -13.88
N ARG A 404 -2.16 -10.34 -15.22
CA ARG A 404 -1.18 -11.08 -15.99
C ARG A 404 0.21 -10.48 -15.84
N ASN A 405 1.21 -11.36 -15.76
CA ASN A 405 2.63 -10.99 -15.78
C ASN A 405 3.01 -10.13 -14.58
N ILE A 406 2.67 -10.64 -13.39
CA ILE A 406 3.15 -10.06 -12.13
C ILE A 406 3.49 -11.20 -11.18
N PRO A 407 4.64 -11.15 -10.52
CA PRO A 407 4.99 -12.19 -9.55
C PRO A 407 3.98 -12.22 -8.40
N PRO A 408 3.70 -13.40 -7.86
CA PRO A 408 2.64 -13.52 -6.87
C PRO A 408 3.08 -13.07 -5.49
N TYR A 409 2.09 -12.71 -4.67
CA TYR A 409 2.26 -12.43 -3.26
C TYR A 409 1.47 -13.45 -2.44
N PHE A 410 1.78 -13.50 -1.15
CA PHE A 410 1.06 -14.34 -0.20
C PHE A 410 0.12 -13.46 0.58
N VAL A 411 -1.18 -13.78 0.56
CA VAL A 411 -2.19 -12.99 1.22
C VAL A 411 -3.04 -13.89 2.11
N ALA A 412 -3.64 -13.29 3.13
CA ALA A 412 -4.50 -13.98 4.07
C ALA A 412 -5.90 -13.39 4.00
N LEU A 413 -6.89 -14.24 3.78
CA LEU A 413 -8.28 -13.81 3.71
C LEU A 413 -8.89 -13.87 5.10
N VAL A 414 -8.83 -12.76 5.82
CA VAL A 414 -9.37 -12.68 7.17
C VAL A 414 -10.88 -12.53 7.09
N PRO A 415 -11.65 -13.42 7.72
CA PRO A 415 -13.11 -13.26 7.69
C PRO A 415 -13.55 -11.97 8.36
N GLN A 416 -14.65 -11.40 7.86
CA GLN A 416 -15.15 -10.13 8.34
C GLN A 416 -16.66 -10.20 8.40
N GLU A 417 -17.21 -10.18 9.62
CA GLU A 417 -18.65 -10.24 9.81
C GLU A 417 -19.29 -8.87 9.60
N GLU A 418 -20.54 -8.89 9.15
CA GLU A 418 -21.28 -7.65 8.92
C GLU A 418 -21.60 -6.97 10.25
N GLU A 419 -21.43 -5.64 10.26
CA GLU A 419 -21.72 -4.83 11.44
C GLU A 419 -22.84 -3.86 11.12
N LEU A 420 -23.85 -3.82 11.99
CA LEU A 420 -24.99 -2.94 11.84
C LEU A 420 -25.06 -1.97 13.01
N ASP A 421 -25.38 -0.72 12.73
CA ASP A 421 -25.50 0.30 13.76
C ASP A 421 -26.91 0.26 14.36
N ASP A 422 -27.18 1.20 15.28
CA ASP A 422 -28.49 1.28 15.89
C ASP A 422 -29.57 1.71 14.91
N GLN A 423 -29.19 2.29 13.77
CA GLN A 423 -30.13 2.67 12.73
C GLN A 423 -30.37 1.56 11.70
N LYS A 424 -29.84 0.36 11.94
CA LYS A 424 -29.95 -0.76 11.02
C LYS A 424 -29.35 -0.43 9.65
N ILE A 425 -28.26 0.34 9.66
CA ILE A 425 -27.55 0.70 8.44
C ILE A 425 -26.19 0.02 8.46
N GLN A 426 -25.86 -0.68 7.37
CA GLN A 426 -24.61 -1.43 7.31
C GLN A 426 -23.41 -0.49 7.35
N VAL A 427 -22.46 -0.80 8.22
CA VAL A 427 -21.22 -0.04 8.32
C VAL A 427 -20.00 -0.85 7.97
N THR A 428 -20.01 -2.17 8.13
CA THR A 428 -18.90 -3.04 7.76
C THR A 428 -19.46 -4.15 6.87
N PRO A 429 -19.12 -4.18 5.58
CA PRO A 429 -19.70 -5.18 4.70
C PRO A 429 -19.20 -6.57 5.05
N PRO A 430 -20.01 -7.60 4.82
CA PRO A 430 -19.55 -8.97 5.07
C PRO A 430 -18.72 -9.49 3.91
N GLY A 431 -17.69 -10.25 4.24
CA GLY A 431 -16.80 -10.79 3.23
C GLY A 431 -15.46 -11.17 3.83
N PHE A 432 -14.43 -11.10 3.00
CA PHE A 432 -13.07 -11.44 3.39
C PHE A 432 -12.17 -10.22 3.22
N GLN A 433 -11.28 -10.02 4.18
CA GLN A 433 -10.30 -8.94 4.13
C GLN A 433 -8.98 -9.49 3.62
N LEU A 434 -8.52 -8.98 2.49
CA LEU A 434 -7.31 -9.48 1.84
C LEU A 434 -6.12 -8.74 2.42
N VAL A 435 -5.31 -9.43 3.22
CA VAL A 435 -4.17 -8.84 3.91
C VAL A 435 -2.90 -9.33 3.24
N PHE A 436 -2.10 -8.39 2.74
CA PHE A 436 -0.83 -8.74 2.11
C PHE A 436 0.19 -9.15 3.16
N LEU A 437 0.86 -10.27 2.92
CA LEU A 437 1.91 -10.69 3.85
C LEU A 437 3.29 -10.38 3.26
N PRO A 438 4.26 -10.02 4.09
CA PRO A 438 5.58 -9.64 3.57
C PRO A 438 6.51 -10.84 3.40
N PHE A 439 7.41 -10.70 2.42
CA PHE A 439 8.44 -11.68 2.18
C PHE A 439 9.65 -11.41 3.09
N ALA A 440 10.69 -12.24 2.96
CA ALA A 440 11.89 -12.02 3.74
C ALA A 440 12.62 -10.75 3.30
N ASP A 441 12.50 -10.37 2.03
CA ASP A 441 13.12 -9.15 1.54
C ASP A 441 12.45 -7.89 2.08
N ASP A 442 11.22 -8.00 2.57
CA ASP A 442 10.46 -6.84 3.01
C ASP A 442 10.72 -6.45 4.46
N LYS A 443 11.50 -7.24 5.19
CA LYS A 443 11.80 -6.96 6.59
C LYS A 443 13.21 -6.40 6.71
N ARG A 444 13.35 -5.29 7.43
CA ARG A 444 14.62 -4.62 7.62
C ARG A 444 15.20 -4.96 8.99
N LYS A 445 16.52 -5.09 9.04
CA LYS A 445 17.21 -5.36 10.30
C LYS A 445 17.26 -4.10 11.15
N MET A 446 17.00 -4.27 12.46
CA MET A 446 16.99 -3.12 13.35
C MET A 446 18.30 -3.03 14.13
N PRO A 447 18.75 -1.82 14.45
CA PRO A 447 19.97 -1.67 15.24
C PRO A 447 19.79 -2.22 16.64
N PHE A 448 20.89 -2.72 17.20
CA PHE A 448 20.84 -3.33 18.53
C PHE A 448 20.71 -2.26 19.61
N THR A 449 19.75 -2.45 20.51
CA THR A 449 19.54 -1.57 21.65
C THR A 449 19.34 -2.40 22.90
N GLU A 450 19.66 -1.82 24.05
CA GLU A 450 19.51 -2.49 25.34
C GLU A 450 18.20 -2.06 25.97
N LYS A 451 17.46 -3.03 26.52
CA LYS A 451 16.19 -2.75 27.15
C LYS A 451 16.38 -2.05 28.48
N ILE A 452 15.61 -1.00 28.71
CA ILE A 452 15.67 -0.22 29.95
C ILE A 452 14.27 -0.22 30.54
N MET A 453 14.02 -1.11 31.50
CA MET A 453 12.73 -1.18 32.15
C MET A 453 12.50 0.04 33.04
N ALA A 454 11.26 0.49 33.09
CA ALA A 454 10.86 1.63 33.89
C ALA A 454 10.21 1.16 35.19
N THR A 455 10.43 1.94 36.26
CA THR A 455 9.88 1.61 37.55
C THR A 455 8.36 1.76 37.54
N PRO A 456 7.66 1.03 38.41
CA PRO A 456 6.20 1.17 38.46
C PRO A 456 5.72 2.59 38.76
N GLU A 457 6.49 3.35 39.53
CA GLU A 457 6.12 4.73 39.83
C GLU A 457 6.08 5.58 38.57
N GLN A 458 7.09 5.41 37.70
CA GLN A 458 7.10 6.16 36.45
C GLN A 458 5.95 5.74 35.53
N VAL A 459 5.66 4.44 35.48
CA VAL A 459 4.57 3.97 34.64
C VAL A 459 3.23 4.49 35.17
N GLY A 460 3.08 4.56 36.49
CA GLY A 460 1.85 5.06 37.06
C GLY A 460 1.57 6.51 36.70
N LYS A 461 2.62 7.35 36.73
CA LYS A 461 2.45 8.76 36.37
C LYS A 461 2.06 8.92 34.91
N MET A 462 2.71 8.15 34.03
CA MET A 462 2.36 8.21 32.61
C MET A 462 0.95 7.70 32.36
N LYS A 463 0.48 6.76 33.19
CA LYS A 463 -0.89 6.28 33.05
C LYS A 463 -1.90 7.40 33.29
N ALA A 464 -1.63 8.25 34.28
CA ALA A 464 -2.51 9.39 34.53
C ALA A 464 -2.52 10.35 33.35
N ILE A 465 -1.35 10.58 32.74
CA ILE A 465 -1.26 11.45 31.58
C ILE A 465 -2.07 10.88 30.42
N VAL A 466 -1.94 9.57 30.19
CA VAL A 466 -2.67 8.93 29.09
C VAL A 466 -4.17 9.02 29.32
N GLU A 467 -4.62 8.77 30.55
CA GLU A 467 -6.04 8.84 30.86
C GLU A 467 -6.60 10.23 30.68
N LYS A 468 -5.77 11.27 30.82
CA LYS A 468 -6.27 12.64 30.70
C LYS A 468 -6.55 13.02 29.26
N LEU A 469 -5.85 12.42 28.30
CA LEU A 469 -5.94 12.78 26.89
C LEU A 469 -6.67 11.72 26.08
N ARG A 470 -7.60 11.01 26.70
CA ARG A 470 -8.41 10.01 25.99
C ARG A 470 -9.44 10.71 25.11
N PHE A 471 -9.69 10.14 23.93
CA PHE A 471 -10.70 10.64 23.02
C PHE A 471 -11.20 9.50 22.15
N THR A 472 -12.43 9.64 21.67
CA THR A 472 -13.04 8.63 20.81
C THR A 472 -12.58 8.85 19.38
N TYR A 473 -11.98 7.82 18.79
CA TYR A 473 -11.42 7.91 17.45
C TYR A 473 -12.41 7.36 16.42
N ARG A 474 -12.58 8.10 15.33
CA ARG A 474 -13.39 7.67 14.20
C ARG A 474 -12.55 7.76 12.94
N SER A 475 -12.84 6.86 12.00
CA SER A 475 -12.03 6.78 10.78
C SER A 475 -12.14 8.05 9.94
N ASP A 476 -13.25 8.77 10.04
CA ASP A 476 -13.48 9.99 9.27
C ASP A 476 -13.33 11.25 10.11
N SER A 477 -12.40 11.25 11.06
CA SER A 477 -12.24 12.38 11.97
C SER A 477 -11.27 13.44 11.46
N PHE A 478 -10.47 13.14 10.44
CA PHE A 478 -9.45 14.06 9.97
C PHE A 478 -9.53 14.21 8.45
N GLU A 479 -9.16 15.39 7.97
CA GLU A 479 -9.15 15.70 6.55
C GLU A 479 -7.74 16.05 6.10
N ASN A 480 -7.43 15.71 4.86
CA ASN A 480 -6.11 15.97 4.30
C ASN A 480 -5.88 17.47 4.18
N PRO A 481 -4.97 18.06 4.95
CA PRO A 481 -4.76 19.51 4.85
C PRO A 481 -4.28 19.96 3.48
N VAL A 482 -3.49 19.13 2.79
CA VAL A 482 -2.99 19.51 1.47
C VAL A 482 -4.13 19.58 0.46
N LEU A 483 -4.98 18.54 0.46
CA LEU A 483 -6.08 18.51 -0.50
C LEU A 483 -7.10 19.60 -0.21
N GLN A 484 -7.42 19.83 1.06
CA GLN A 484 -8.40 20.86 1.40
C GLN A 484 -7.92 22.24 0.98
N GLN A 485 -6.64 22.54 1.26
CA GLN A 485 -6.09 23.84 0.84
C GLN A 485 -6.05 23.95 -0.68
N HIS A 486 -5.76 22.84 -1.37
CA HIS A 486 -5.70 22.87 -2.82
C HIS A 486 -7.07 23.21 -3.42
N PHE A 487 -8.13 22.65 -2.86
CA PHE A 487 -9.47 22.91 -3.39
C PHE A 487 -9.88 24.37 -3.18
N ARG A 488 -9.49 24.95 -2.04
CA ARG A 488 -9.78 26.36 -1.81
C ARG A 488 -9.06 27.24 -2.82
N ASN A 489 -7.80 26.91 -3.14
CA ASN A 489 -7.04 27.71 -4.10
C ASN A 489 -7.67 27.68 -5.48
N LEU A 490 -8.11 26.49 -5.93
CA LEU A 490 -8.75 26.40 -7.24
C LEU A 490 -10.05 27.18 -7.26
N GLU A 491 -10.85 27.10 -6.20
CA GLU A 491 -12.11 27.81 -6.15
C GLU A 491 -11.89 29.32 -6.18
N ALA A 492 -10.87 29.81 -5.48
CA ALA A 492 -10.61 31.24 -5.43
C ALA A 492 -10.22 31.78 -6.80
N LEU A 493 -9.36 31.06 -7.53
CA LEU A 493 -8.90 31.54 -8.82
C LEU A 493 -9.99 31.41 -9.88
N ALA A 494 -10.73 30.31 -9.86
CA ALA A 494 -11.79 30.13 -10.86
C ALA A 494 -12.91 31.14 -10.66
N LEU A 495 -13.15 31.55 -9.42
CA LEU A 495 -14.19 32.53 -9.10
C LEU A 495 -13.61 33.89 -8.74
N ASP A 496 -12.36 34.16 -9.12
CA ASP A 496 -11.67 35.43 -8.97
C ASP A 496 -11.92 36.11 -7.63
N LEU A 497 -11.98 35.34 -6.55
CA LEU A 497 -12.21 35.88 -5.23
C LEU A 497 -11.03 36.73 -4.79
N MET A 498 -11.29 37.63 -3.82
CA MET A 498 -10.26 38.55 -3.37
C MET A 498 -9.11 37.82 -2.69
N GLU A 499 -9.42 36.76 -1.94
CA GLU A 499 -8.38 36.00 -1.26
C GLU A 499 -8.92 34.60 -0.95
N PRO A 500 -8.11 33.56 -1.08
CA PRO A 500 -8.61 32.20 -0.83
C PRO A 500 -8.97 31.99 0.62
N GLU A 501 -9.98 31.17 0.84
CA GLU A 501 -10.39 30.81 2.20
C GLU A 501 -9.35 29.89 2.83
N GLN A 502 -8.98 30.17 4.08
CA GLN A 502 -7.98 29.40 4.78
C GLN A 502 -8.64 28.22 5.49
N ALA A 503 -8.26 27.01 5.10
CA ALA A 503 -8.81 25.81 5.73
C ALA A 503 -8.22 25.62 7.12
N VAL A 504 -9.05 25.19 8.06
CA VAL A 504 -8.60 24.96 9.43
C VAL A 504 -7.96 23.58 9.50
N ASP A 505 -6.68 23.54 9.88
CA ASP A 505 -5.95 22.28 9.98
C ASP A 505 -6.37 21.57 11.26
N LEU A 506 -7.09 20.46 11.11
CA LEU A 506 -7.58 19.70 12.25
C LEU A 506 -6.59 18.64 12.73
N THR A 507 -5.50 18.43 12.01
CA THR A 507 -4.46 17.50 12.43
C THR A 507 -3.41 18.17 13.31
N LEU A 508 -3.48 19.47 13.50
CA LEU A 508 -2.56 20.16 14.39
C LEU A 508 -2.94 19.91 15.84
N PRO A 509 -2.03 19.45 16.69
CA PRO A 509 -2.37 19.20 18.09
C PRO A 509 -2.80 20.47 18.79
N LYS A 510 -3.79 20.34 19.68
CA LYS A 510 -4.30 21.46 20.46
C LYS A 510 -3.46 21.60 21.73
N VAL A 511 -2.34 22.31 21.58
CA VAL A 511 -1.38 22.43 22.68
C VAL A 511 -1.98 23.20 23.84
N GLU A 512 -2.78 24.23 23.55
CA GLU A 512 -3.40 25.00 24.62
C GLU A 512 -4.38 24.15 25.42
N ALA A 513 -5.20 23.34 24.74
CA ALA A 513 -6.15 22.49 25.43
C ALA A 513 -5.45 21.39 26.21
N MET A 514 -4.43 20.77 25.61
CA MET A 514 -3.72 19.69 26.28
C MET A 514 -2.99 20.19 27.52
N ASN A 515 -2.37 21.37 27.44
CA ASN A 515 -1.66 21.91 28.60
C ASN A 515 -2.62 22.19 29.75
N LYS A 516 -3.81 22.72 29.44
CA LYS A 516 -4.80 22.97 30.48
C LYS A 516 -5.28 21.67 31.12
N ARG A 517 -5.52 20.65 30.29
CA ARG A 517 -6.04 19.38 30.81
C ARG A 517 -5.01 18.70 31.72
N LEU A 518 -3.74 18.70 31.32
CA LEU A 518 -2.72 18.00 32.09
C LEU A 518 -2.42 18.74 33.39
N GLY A 519 -1.96 19.99 33.29
CA GLY A 519 -1.67 20.78 34.46
C GLY A 519 -0.32 20.49 35.06
N SER A 520 -0.31 19.99 36.30
CA SER A 520 0.92 19.69 37.02
C SER A 520 1.43 18.28 36.77
N LEU A 521 0.72 17.47 36.00
CA LEU A 521 1.15 16.10 35.75
C LEU A 521 2.47 16.06 34.99
N VAL A 522 2.63 16.95 33.99
CA VAL A 522 3.84 16.94 33.18
C VAL A 522 5.06 17.29 34.03
N ASP A 523 4.93 18.29 34.91
CA ASP A 523 6.06 18.69 35.73
C ASP A 523 6.50 17.56 36.66
N GLU A 524 5.55 16.87 37.27
CA GLU A 524 5.89 15.74 38.14
C GLU A 524 6.55 14.61 37.35
N PHE A 525 6.03 14.32 36.15
CA PHE A 525 6.60 13.24 35.35
C PHE A 525 8.02 13.56 34.92
N LYS A 526 8.27 14.80 34.51
CA LYS A 526 9.63 15.18 34.11
C LYS A 526 10.60 15.09 35.28
N GLU A 527 10.15 15.48 36.48
CA GLU A 527 11.00 15.38 37.66
C GLU A 527 11.32 13.94 38.00
N LEU A 528 10.38 13.02 37.75
CA LEU A 528 10.59 11.63 38.11
C LEU A 528 11.53 10.92 37.12
N VAL A 529 11.57 11.37 35.87
CA VAL A 529 12.33 10.68 34.84
C VAL A 529 13.61 11.45 34.53
N TYR A 530 13.47 12.70 34.16
CA TYR A 530 14.63 13.48 33.71
C TYR A 530 15.43 13.99 34.91
N PRO A 531 16.72 13.69 34.98
CA PRO A 531 17.55 14.31 36.01
C PRO A 531 17.66 15.80 35.77
N PRO A 532 17.93 16.60 36.83
CA PRO A 532 17.93 18.06 36.70
C PRO A 532 19.16 18.63 36.01
N ASP A 533 19.61 17.95 34.95
CA ASP A 533 20.61 18.52 34.06
C ASP A 533 20.34 18.17 32.60
N TYR A 534 19.21 17.54 32.29
CA TYR A 534 18.92 17.05 30.95
C TYR A 534 18.39 18.17 30.07
N ASN A 535 18.73 18.10 28.78
CA ASN A 535 18.33 19.10 27.79
C ASN A 535 17.70 18.42 26.57
N PRO A 536 16.41 18.09 26.66
CA PRO A 536 15.77 17.37 25.53
C PRO A 536 15.74 18.17 24.25
N GLU A 537 15.87 19.50 24.31
CA GLU A 537 15.87 20.31 23.11
C GLU A 537 17.20 20.24 22.34
N GLY A 538 18.26 19.77 22.98
CA GLY A 538 19.57 19.70 22.34
C GLY A 538 20.24 18.35 22.47
N ALA B 8 35.44 -8.35 3.92
CA ALA B 8 35.73 -9.74 4.27
C ALA B 8 36.44 -10.45 3.13
N ALA B 9 37.53 -11.15 3.45
CA ALA B 9 38.33 -11.88 2.48
C ALA B 9 38.09 -13.37 2.68
N VAL B 10 37.72 -14.06 1.61
CA VAL B 10 37.42 -15.49 1.66
C VAL B 10 38.38 -16.21 0.71
N VAL B 11 39.01 -17.26 1.21
CA VAL B 11 39.93 -18.09 0.42
C VAL B 11 39.35 -19.49 0.39
N LEU B 12 39.07 -20.01 -0.80
CA LEU B 12 38.53 -21.35 -0.99
C LEU B 12 39.67 -22.29 -1.34
N CYS B 13 39.88 -23.30 -0.49
CA CYS B 13 40.91 -24.31 -0.70
C CYS B 13 40.20 -25.61 -1.06
N MET B 14 40.28 -26.00 -2.33
CA MET B 14 39.56 -27.16 -2.84
C MET B 14 40.54 -28.26 -3.22
N ASP B 15 40.17 -29.51 -2.91
CA ASP B 15 40.97 -30.66 -3.26
C ASP B 15 40.58 -31.15 -4.65
N VAL B 16 41.57 -31.35 -5.50
CA VAL B 16 41.35 -31.87 -6.85
C VAL B 16 42.14 -33.16 -7.01
N GLY B 17 42.31 -33.89 -5.92
CA GLY B 17 43.11 -35.11 -5.93
C GLY B 17 42.41 -36.26 -6.63
N PHE B 18 43.18 -37.33 -6.83
CA PHE B 18 42.66 -38.51 -7.52
C PHE B 18 41.60 -39.23 -6.70
N THR B 19 41.70 -39.17 -5.37
CA THR B 19 40.77 -39.91 -4.52
C THR B 19 39.34 -39.41 -4.65
N MET B 20 39.16 -38.15 -5.02
CA MET B 20 37.81 -37.61 -5.18
C MET B 20 37.21 -37.92 -6.55
N SER B 21 38.01 -38.41 -7.49
CA SER B 21 37.49 -38.71 -8.82
C SER B 21 36.63 -39.97 -8.80
N ASN B 22 37.01 -40.97 -8.00
CA ASN B 22 36.32 -42.25 -7.94
C ASN B 22 35.50 -42.36 -6.67
N SER B 23 34.31 -42.92 -6.78
CA SER B 23 33.40 -43.12 -5.65
C SER B 23 32.33 -44.10 -6.07
N ILE B 24 31.31 -44.24 -5.24
CA ILE B 24 30.19 -45.15 -5.53
C ILE B 24 29.45 -44.65 -6.76
N PRO B 25 29.19 -45.49 -7.77
CA PRO B 25 28.47 -45.02 -8.96
C PRO B 25 27.04 -44.56 -8.67
N GLY B 26 26.45 -44.98 -7.55
CA GLY B 26 25.09 -44.58 -7.23
C GLY B 26 24.97 -43.14 -6.74
N ILE B 27 26.07 -42.48 -6.43
CA ILE B 27 26.06 -41.10 -5.97
C ILE B 27 27.09 -40.32 -6.78
N GLU B 28 26.89 -39.00 -6.82
CA GLU B 28 27.81 -38.14 -7.55
C GLU B 28 29.16 -38.07 -6.85
N SER B 29 30.21 -37.86 -7.64
CA SER B 29 31.56 -37.79 -7.11
C SER B 29 31.72 -36.58 -6.18
N PRO B 30 32.51 -36.71 -5.12
CA PRO B 30 32.74 -35.55 -4.23
C PRO B 30 33.35 -34.36 -4.94
N PHE B 31 34.15 -34.59 -5.99
CA PHE B 31 34.68 -33.49 -6.78
C PHE B 31 33.55 -32.68 -7.42
N GLU B 32 32.54 -33.37 -7.95
CA GLU B 32 31.40 -32.68 -8.53
C GLU B 32 30.63 -31.90 -7.48
N GLN B 33 30.44 -32.49 -6.29
CA GLN B 33 29.71 -31.80 -5.23
C GLN B 33 30.46 -30.55 -4.77
N ALA B 34 31.77 -30.66 -4.59
CA ALA B 34 32.56 -29.48 -4.21
C ALA B 34 32.53 -28.42 -5.28
N LYS B 35 32.60 -28.83 -6.55
CA LYS B 35 32.50 -27.88 -7.66
C LYS B 35 31.14 -27.19 -7.66
N LYS B 36 30.08 -27.94 -7.41
CA LYS B 36 28.74 -27.36 -7.35
C LYS B 36 28.61 -26.39 -6.19
N VAL B 37 29.16 -26.74 -5.03
CA VAL B 37 29.05 -25.89 -3.85
C VAL B 37 29.78 -24.58 -4.07
N ILE B 38 31.01 -24.65 -4.61
CA ILE B 38 31.79 -23.44 -4.84
C ILE B 38 31.12 -22.55 -5.87
N THR B 39 30.58 -23.16 -6.94
CA THR B 39 29.93 -22.38 -7.98
C THR B 39 28.72 -21.63 -7.44
N MET B 40 27.91 -22.29 -6.59
CA MET B 40 26.72 -21.64 -6.07
C MET B 40 27.08 -20.59 -5.02
N PHE B 41 28.26 -20.71 -4.40
CA PHE B 41 28.72 -19.66 -3.49
C PHE B 41 29.16 -18.43 -4.26
N VAL B 42 29.83 -18.62 -5.39
CA VAL B 42 30.29 -17.47 -6.19
C VAL B 42 29.10 -16.73 -6.79
N GLN B 43 28.07 -17.47 -7.19
CA GLN B 43 26.88 -16.85 -7.78
C GLN B 43 26.23 -15.88 -6.80
N ARG B 44 26.14 -16.28 -5.52
CA ARG B 44 25.54 -15.41 -4.51
C ARG B 44 26.36 -14.13 -4.33
N GLN B 45 27.69 -14.26 -4.31
CA GLN B 45 28.53 -13.08 -4.12
C GLN B 45 28.46 -12.12 -5.28
N VAL B 46 28.39 -12.65 -6.51
CA VAL B 46 28.39 -11.79 -7.69
C VAL B 46 27.13 -10.94 -7.75
N PHE B 47 25.97 -11.55 -7.51
CA PHE B 47 24.71 -10.83 -7.62
C PHE B 47 24.36 -10.04 -6.37
N ALA B 48 25.11 -10.21 -5.29
CA ALA B 48 24.97 -9.41 -4.08
C ALA B 48 26.26 -8.62 -3.93
N GLU B 49 26.32 -7.46 -4.56
CA GLU B 49 27.53 -6.65 -4.57
C GLU B 49 27.82 -6.13 -3.16
N ASN B 50 28.85 -6.70 -2.52
CA ASN B 50 29.19 -6.36 -1.15
C ASN B 50 30.69 -6.15 -0.97
N LYS B 51 31.42 -5.94 -2.06
CA LYS B 51 32.85 -5.63 -2.06
C LYS B 51 33.71 -6.72 -1.43
N ASP B 52 33.17 -7.93 -1.27
CA ASP B 52 33.96 -9.02 -0.70
C ASP B 52 34.96 -9.54 -1.73
N GLU B 53 36.05 -10.10 -1.22
CA GLU B 53 37.14 -10.61 -2.05
C GLU B 53 37.21 -12.12 -1.94
N ILE B 54 37.38 -12.79 -3.07
CA ILE B 54 37.39 -14.24 -3.14
C ILE B 54 38.66 -14.69 -3.84
N ALA B 55 39.37 -15.64 -3.24
CA ALA B 55 40.55 -16.25 -3.83
C ALA B 55 40.39 -17.75 -3.83
N LEU B 56 40.89 -18.39 -4.89
CA LEU B 56 40.75 -19.84 -5.07
C LEU B 56 42.13 -20.49 -5.06
N VAL B 57 42.27 -21.53 -4.25
CA VAL B 57 43.51 -22.29 -4.14
C VAL B 57 43.19 -23.76 -4.37
N LEU B 58 43.93 -24.40 -5.27
CA LEU B 58 43.75 -25.80 -5.60
C LEU B 58 45.00 -26.58 -5.24
N PHE B 59 44.81 -27.70 -4.53
CA PHE B 59 45.91 -28.60 -4.19
C PHE B 59 45.55 -30.00 -4.64
N GLY B 60 46.54 -30.71 -5.18
CA GLY B 60 46.34 -32.03 -5.75
C GLY B 60 46.47 -32.11 -7.24
N THR B 61 46.63 -30.98 -7.93
CA THR B 61 46.78 -30.97 -9.37
C THR B 61 48.22 -31.31 -9.76
N ASP B 62 48.42 -31.54 -11.06
CA ASP B 62 49.74 -31.88 -11.55
C ASP B 62 50.70 -30.71 -11.47
N GLY B 63 50.26 -29.53 -11.90
CA GLY B 63 51.12 -28.36 -11.90
C GLY B 63 51.37 -27.82 -10.51
N THR B 64 52.43 -27.01 -10.40
CA THR B 64 52.82 -26.37 -9.15
C THR B 64 52.95 -24.87 -9.39
N ASP B 65 52.19 -24.09 -8.63
CA ASP B 65 52.27 -22.62 -8.73
C ASP B 65 51.95 -22.05 -7.34
N ASN B 66 52.99 -21.80 -6.56
CA ASN B 66 52.86 -21.21 -5.23
C ASN B 66 53.96 -20.19 -5.02
N PRO B 67 53.71 -19.18 -4.18
CA PRO B 67 54.82 -18.29 -3.77
C PRO B 67 55.94 -19.03 -3.07
N LEU B 68 55.62 -20.12 -2.36
CA LEU B 68 56.61 -20.91 -1.64
C LEU B 68 56.81 -22.24 -2.38
N SER B 69 58.06 -22.55 -2.71
CA SER B 69 58.40 -23.81 -3.37
C SER B 69 59.26 -24.70 -2.49
N GLY B 70 60.40 -24.20 -2.03
CA GLY B 70 61.27 -25.01 -1.17
C GLY B 70 61.73 -26.27 -1.88
N GLY B 71 61.67 -27.39 -1.16
CA GLY B 71 62.03 -28.67 -1.72
C GLY B 71 60.85 -29.45 -2.23
N ASP B 72 60.70 -30.69 -1.77
CA ASP B 72 59.56 -31.51 -2.17
C ASP B 72 58.26 -31.04 -1.53
N GLN B 73 58.34 -30.29 -0.44
CA GLN B 73 57.14 -29.79 0.23
C GLN B 73 56.54 -28.63 -0.56
N TYR B 74 55.30 -28.29 -0.21
CA TYR B 74 54.57 -27.17 -0.81
C TYR B 74 54.45 -27.32 -2.33
N GLN B 75 54.32 -28.56 -2.80
CA GLN B 75 54.22 -28.86 -4.22
C GLN B 75 52.84 -29.44 -4.53
N ASN B 76 52.56 -29.58 -5.81
CA ASN B 76 51.27 -30.05 -6.32
C ASN B 76 50.11 -29.15 -5.88
N ILE B 77 50.41 -27.87 -5.63
CA ILE B 77 49.40 -26.89 -5.23
C ILE B 77 49.51 -25.70 -6.17
N THR B 78 48.37 -25.19 -6.62
CA THR B 78 48.33 -24.06 -7.53
C THR B 78 47.36 -23.01 -7.01
N VAL B 79 47.80 -21.76 -7.00
CA VAL B 79 46.94 -20.63 -6.68
C VAL B 79 46.30 -20.21 -7.99
N HIS B 80 45.19 -20.86 -8.33
CA HIS B 80 44.55 -20.62 -9.63
C HIS B 80 44.04 -19.20 -9.75
N ARG B 81 43.44 -18.67 -8.68
CA ARG B 81 42.88 -17.33 -8.68
C ARG B 81 43.42 -16.56 -7.49
N HIS B 82 43.85 -15.32 -7.74
CA HIS B 82 44.38 -14.48 -6.68
C HIS B 82 43.21 -13.81 -5.93
N LEU B 83 43.53 -12.92 -5.00
CA LEU B 83 42.51 -12.25 -4.19
C LEU B 83 42.00 -11.04 -4.96
N MET B 84 40.78 -11.14 -5.48
CA MET B 84 40.16 -10.05 -6.21
C MET B 84 38.65 -10.23 -6.16
N LEU B 85 37.94 -9.20 -6.64
CA LEU B 85 36.49 -9.23 -6.63
C LEU B 85 35.96 -10.36 -7.51
N PRO B 86 34.86 -10.99 -7.10
CA PRO B 86 34.26 -12.03 -7.94
C PRO B 86 33.69 -11.46 -9.22
N ASP B 87 33.72 -12.28 -10.26
CA ASP B 87 33.24 -11.86 -11.58
C ASP B 87 32.88 -13.10 -12.38
N PHE B 88 32.19 -12.88 -13.50
CA PHE B 88 31.77 -14.00 -14.35
C PHE B 88 32.96 -14.73 -14.96
N ASP B 89 34.13 -14.10 -15.02
CA ASP B 89 35.32 -14.82 -15.45
C ASP B 89 35.66 -15.95 -14.49
N LEU B 90 35.50 -15.71 -13.19
CA LEU B 90 35.72 -16.77 -12.21
C LEU B 90 34.73 -17.92 -12.40
N LEU B 91 33.47 -17.60 -12.66
CA LEU B 91 32.46 -18.63 -12.86
C LEU B 91 32.78 -19.48 -14.08
N GLU B 92 33.21 -18.85 -15.17
CA GLU B 92 33.60 -19.60 -16.36
C GLU B 92 34.81 -20.49 -16.09
N ASP B 93 35.80 -19.96 -15.36
CA ASP B 93 36.99 -20.75 -15.04
C ASP B 93 36.65 -21.94 -14.16
N ILE B 94 35.78 -21.73 -13.17
CA ILE B 94 35.38 -22.84 -12.29
C ILE B 94 34.64 -23.91 -13.08
N GLU B 95 33.73 -23.50 -13.96
CA GLU B 95 32.92 -24.46 -14.70
C GLU B 95 33.75 -25.27 -15.68
N SER B 96 34.70 -24.63 -16.36
CA SER B 96 35.42 -25.25 -17.47
C SER B 96 36.88 -25.54 -17.16
N LYS B 97 37.65 -24.54 -16.73
CA LYS B 97 39.09 -24.72 -16.60
C LYS B 97 39.42 -25.74 -15.51
N ILE B 98 38.70 -25.72 -14.40
CA ILE B 98 39.01 -26.60 -13.28
C ILE B 98 38.70 -28.03 -13.66
N GLN B 99 39.70 -28.90 -13.58
CA GLN B 99 39.58 -30.31 -13.90
C GLN B 99 40.26 -31.12 -12.82
N PRO B 100 39.78 -32.34 -12.55
CA PRO B 100 40.42 -33.17 -11.53
C PRO B 100 41.85 -33.55 -11.93
N GLY B 101 42.71 -33.65 -10.93
CA GLY B 101 44.09 -34.02 -11.11
C GLY B 101 44.34 -35.49 -10.89
N SER B 102 45.61 -35.83 -10.67
CA SER B 102 46.00 -37.21 -10.42
C SER B 102 47.02 -37.36 -9.30
N GLN B 103 47.38 -36.28 -8.61
CA GLN B 103 48.38 -36.33 -7.55
C GLN B 103 47.69 -36.26 -6.19
N GLN B 104 48.49 -36.38 -5.13
CA GLN B 104 48.02 -36.27 -3.75
C GLN B 104 48.83 -35.20 -3.04
N ALA B 105 48.14 -34.37 -2.26
CA ALA B 105 48.77 -33.25 -1.57
C ALA B 105 48.28 -33.21 -0.13
N ASP B 106 49.15 -32.73 0.76
CA ASP B 106 48.81 -32.56 2.16
C ASP B 106 47.94 -31.33 2.33
N PHE B 107 46.73 -31.50 2.87
CA PHE B 107 45.86 -30.36 3.08
C PHE B 107 46.37 -29.45 4.19
N LEU B 108 47.26 -29.94 5.06
CA LEU B 108 47.98 -29.04 5.95
C LEU B 108 48.89 -28.11 5.15
N ASP B 109 49.60 -28.65 4.15
CA ASP B 109 50.42 -27.81 3.29
C ASP B 109 49.58 -26.83 2.49
N ALA B 110 48.40 -27.28 2.03
CA ALA B 110 47.48 -26.38 1.36
C ALA B 110 47.02 -25.27 2.30
N LEU B 111 46.82 -25.60 3.58
CA LEU B 111 46.48 -24.59 4.56
C LEU B 111 47.63 -23.60 4.77
N ILE B 112 48.87 -24.06 4.60
CA ILE B 112 50.01 -23.15 4.67
C ILE B 112 49.94 -22.12 3.56
N VAL B 113 49.68 -22.58 2.33
CA VAL B 113 49.62 -21.68 1.19
C VAL B 113 48.45 -20.73 1.31
N SER B 114 47.31 -21.20 1.85
CA SER B 114 46.16 -20.33 2.03
C SER B 114 46.48 -19.17 2.97
N MET B 115 47.22 -19.44 4.04
CA MET B 115 47.68 -18.37 4.91
C MET B 115 48.63 -17.43 4.18
N ASP B 116 49.52 -17.98 3.35
CA ASP B 116 50.46 -17.15 2.60
C ASP B 116 49.71 -16.22 1.66
N VAL B 117 48.68 -16.74 0.97
CA VAL B 117 47.90 -15.90 0.06
C VAL B 117 47.15 -14.82 0.83
N ILE B 118 46.52 -15.19 1.94
CA ILE B 118 45.68 -14.24 2.66
C ILE B 118 46.52 -13.23 3.44
N GLN B 119 47.78 -13.56 3.74
CA GLN B 119 48.63 -12.64 4.48
C GLN B 119 49.37 -11.67 3.57
N HIS B 120 49.92 -12.18 2.47
CA HIS B 120 50.72 -11.34 1.58
C HIS B 120 49.85 -10.41 0.74
N GLU B 121 48.68 -10.87 0.32
CA GLU B 121 47.83 -10.12 -0.60
C GLU B 121 46.80 -9.23 0.11
N THR B 122 46.81 -9.19 1.44
CA THR B 122 45.90 -8.34 2.19
C THR B 122 46.49 -6.98 2.51
N ILE B 123 47.75 -6.73 2.14
CA ILE B 123 48.38 -5.45 2.42
C ILE B 123 47.71 -4.34 1.62
N GLY B 124 47.56 -3.17 2.24
CA GLY B 124 46.92 -2.05 1.61
C GLY B 124 45.41 -2.07 1.62
N LYS B 125 44.80 -3.09 2.21
CA LYS B 125 43.35 -3.20 2.29
C LYS B 125 42.94 -3.52 3.71
N LYS B 126 41.72 -3.11 4.06
CA LYS B 126 41.15 -3.35 5.39
C LYS B 126 40.02 -4.36 5.26
N PHE B 127 40.10 -5.46 6.01
CA PHE B 127 39.12 -6.52 5.98
C PHE B 127 38.60 -6.75 7.40
N GLU B 128 37.29 -6.65 7.57
CA GLU B 128 36.70 -6.87 8.90
C GLU B 128 36.78 -8.34 9.30
N LYS B 129 36.76 -9.26 8.35
CA LYS B 129 36.81 -10.68 8.64
C LYS B 129 37.71 -11.38 7.62
N ARG B 130 38.23 -12.53 8.02
CA ARG B 130 39.05 -13.36 7.14
C ARG B 130 38.64 -14.81 7.35
N HIS B 131 38.40 -15.53 6.24
CA HIS B 131 37.92 -16.90 6.29
C HIS B 131 38.73 -17.77 5.35
N ILE B 132 38.89 -19.03 5.74
CA ILE B 132 39.52 -20.05 4.90
C ILE B 132 38.61 -21.26 4.87
N GLU B 133 38.20 -21.67 3.68
CA GLU B 133 37.28 -22.79 3.50
C GLU B 133 38.04 -23.95 2.88
N ILE B 134 37.88 -25.14 3.46
CA ILE B 134 38.59 -26.34 3.02
C ILE B 134 37.57 -27.33 2.47
N PHE B 135 37.80 -27.77 1.23
CA PHE B 135 36.98 -28.80 0.58
C PHE B 135 37.86 -30.00 0.30
N THR B 136 37.66 -31.07 1.07
CA THR B 136 38.47 -32.27 0.92
C THR B 136 37.70 -33.45 1.47
N ASP B 137 38.18 -34.65 1.12
CA ASP B 137 37.60 -35.89 1.62
C ASP B 137 38.49 -36.60 2.62
N LEU B 138 39.64 -36.02 2.97
CA LEU B 138 40.54 -36.57 3.98
C LEU B 138 40.95 -38.01 3.66
N SER B 139 41.25 -38.28 2.40
CA SER B 139 41.68 -39.60 1.96
C SER B 139 43.11 -39.60 1.41
N SER B 140 43.91 -38.60 1.79
CA SER B 140 45.29 -38.49 1.34
C SER B 140 46.22 -38.72 2.51
N ARG B 141 47.18 -39.64 2.34
CA ARG B 141 48.17 -39.89 3.37
C ARG B 141 49.02 -38.65 3.62
N PHE B 142 49.25 -38.34 4.89
CA PHE B 142 49.97 -37.13 5.25
C PHE B 142 50.64 -37.34 6.61
N SER B 143 51.58 -36.46 6.92
CA SER B 143 52.32 -36.51 8.18
C SER B 143 52.04 -35.24 8.96
N LYS B 144 51.63 -35.40 10.22
CA LYS B 144 51.38 -34.27 11.12
C LYS B 144 52.67 -33.96 11.86
N SER B 145 53.34 -32.87 11.47
CA SER B 145 54.62 -32.51 12.06
C SER B 145 54.78 -31.02 12.32
N GLN B 146 53.76 -30.20 12.10
CA GLN B 146 53.88 -28.77 12.30
C GLN B 146 52.69 -28.13 12.99
N LEU B 147 51.66 -28.90 13.34
CA LEU B 147 50.37 -28.40 13.81
C LEU B 147 50.47 -27.23 14.79
N ASP B 148 51.48 -27.24 15.67
CA ASP B 148 51.56 -26.22 16.71
C ASP B 148 51.71 -24.83 16.12
N ILE B 149 52.56 -24.67 15.11
CA ILE B 149 52.78 -23.33 14.56
C ILE B 149 51.56 -22.85 13.78
N ILE B 150 50.80 -23.77 13.16
CA ILE B 150 49.58 -23.36 12.46
C ILE B 150 48.56 -22.82 13.44
N ILE B 151 48.32 -23.51 14.54
CA ILE B 151 47.32 -23.07 15.51
C ILE B 151 47.70 -21.71 16.08
N HIS B 152 48.98 -21.51 16.37
CA HIS B 152 49.45 -20.21 16.83
C HIS B 152 49.26 -19.15 15.75
N SER B 153 49.53 -19.50 14.49
CA SER B 153 49.41 -18.53 13.42
C SER B 153 47.97 -18.06 13.25
N LEU B 154 47.01 -18.98 13.29
CA LEU B 154 45.61 -18.59 13.13
C LEU B 154 45.13 -17.72 14.29
N LYS B 155 45.51 -18.07 15.51
CA LYS B 155 45.13 -17.27 16.67
C LYS B 155 45.78 -15.88 16.64
N LYS B 156 46.89 -15.73 15.92
CA LYS B 156 47.54 -14.43 15.81
C LYS B 156 46.92 -13.59 14.70
N CYS B 157 46.67 -14.20 13.54
CA CYS B 157 46.12 -13.48 12.39
C CYS B 157 44.60 -13.33 12.45
N ASP B 158 43.92 -14.02 13.36
CA ASP B 158 42.47 -13.93 13.52
C ASP B 158 41.75 -14.29 12.23
N ILE B 159 41.94 -15.54 11.80
CA ILE B 159 41.34 -16.06 10.58
C ILE B 159 40.49 -17.26 10.95
N SER B 160 39.22 -17.24 10.54
CA SER B 160 38.30 -18.33 10.81
C SER B 160 38.49 -19.47 9.81
N LEU B 161 37.98 -20.64 10.17
CA LEU B 161 38.06 -21.82 9.32
C LEU B 161 36.70 -22.51 9.23
N GLN B 162 36.46 -23.14 8.10
CA GLN B 162 35.31 -24.02 7.91
C GLN B 162 35.74 -25.23 7.10
N PHE B 163 35.17 -26.38 7.42
CA PHE B 163 35.51 -27.63 6.74
C PHE B 163 34.26 -28.22 6.12
N PHE B 164 34.41 -28.73 4.90
CA PHE B 164 33.31 -29.30 4.13
C PHE B 164 33.72 -30.70 3.70
N LEU B 165 33.12 -31.71 4.32
CA LEU B 165 33.43 -33.11 4.08
C LEU B 165 32.32 -33.78 3.27
N PRO B 166 32.64 -34.81 2.49
CA PRO B 166 31.59 -35.53 1.75
C PRO B 166 30.68 -36.38 2.63
N PHE B 167 30.94 -36.44 3.94
CA PHE B 167 30.13 -37.23 4.85
C PHE B 167 29.76 -36.40 6.06
N SER B 168 28.59 -36.65 6.61
CA SER B 168 28.13 -35.95 7.80
C SER B 168 28.93 -36.37 9.03
N LEU B 169 29.14 -35.43 9.93
CA LEU B 169 29.89 -35.69 11.15
C LEU B 169 29.01 -36.34 12.21
N GLY B 196 30.83 -46.15 7.39
CA GLY B 196 31.50 -46.83 6.30
C GLY B 196 32.62 -46.02 5.68
N ILE B 197 33.58 -45.60 6.51
CA ILE B 197 34.72 -44.81 6.06
C ILE B 197 36.00 -45.54 6.44
N THR B 198 37.05 -45.34 5.65
CA THR B 198 38.33 -45.97 5.93
C THR B 198 38.97 -45.34 7.16
N GLU B 199 39.92 -46.08 7.75
CA GLU B 199 40.62 -45.57 8.93
C GLU B 199 41.43 -44.32 8.59
N GLN B 200 41.88 -44.19 7.35
CA GLN B 200 42.60 -42.97 6.95
C GLN B 200 41.70 -41.75 7.07
N GLN B 201 40.45 -41.86 6.62
CA GLN B 201 39.49 -40.79 6.84
C GLN B 201 39.18 -40.64 8.32
N LYS B 202 39.05 -41.77 9.03
CA LYS B 202 38.82 -41.70 10.47
C LYS B 202 40.02 -41.07 11.19
N GLU B 203 41.23 -41.46 10.80
CA GLU B 203 42.43 -40.82 11.36
C GLU B 203 42.48 -39.35 10.96
N GLY B 204 42.21 -39.06 9.69
CA GLY B 204 42.19 -37.67 9.25
C GLY B 204 41.14 -36.85 9.97
N LEU B 205 40.01 -37.48 10.32
CA LEU B 205 38.98 -36.78 11.09
C LEU B 205 39.50 -36.39 12.47
N GLU B 206 40.43 -37.17 13.02
CA GLU B 206 40.94 -36.87 14.37
C GLU B 206 41.65 -35.53 14.40
N ILE B 207 42.48 -35.24 13.39
CA ILE B 207 43.22 -33.98 13.38
C ILE B 207 42.28 -32.80 13.23
N VAL B 208 41.32 -32.88 12.31
CA VAL B 208 40.43 -31.75 12.08
C VAL B 208 39.56 -31.49 13.30
N LYS B 209 39.17 -32.55 14.01
CA LYS B 209 38.47 -32.35 15.29
C LYS B 209 39.36 -31.64 16.29
N MET B 210 40.64 -32.01 16.34
CA MET B 210 41.58 -31.35 17.25
C MET B 210 41.77 -29.89 16.89
N VAL B 211 41.83 -29.59 15.59
CA VAL B 211 42.04 -28.21 15.15
C VAL B 211 40.87 -27.32 15.57
N MET B 212 39.64 -27.80 15.34
CA MET B 212 38.48 -27.01 15.68
C MET B 212 38.38 -26.78 17.19
N ILE B 213 38.78 -27.78 17.98
CA ILE B 213 38.82 -27.60 19.43
C ILE B 213 39.83 -26.53 19.81
N SER B 214 41.02 -26.59 19.20
CA SER B 214 42.09 -25.65 19.55
C SER B 214 41.81 -24.25 19.05
N LEU B 215 40.95 -24.08 18.05
CA LEU B 215 40.66 -22.76 17.51
C LEU B 215 39.46 -22.11 18.20
N GLU B 216 38.29 -22.76 18.14
CA GLU B 216 37.05 -22.13 18.58
C GLU B 216 36.25 -23.12 19.43
N GLY B 217 36.91 -23.70 20.42
CA GLY B 217 36.28 -24.42 21.52
C GLY B 217 35.47 -25.63 21.09
N GLU B 218 34.54 -26.03 21.97
CA GLU B 218 33.70 -27.20 21.74
C GLU B 218 32.65 -26.95 20.68
N ASP B 219 32.04 -25.76 20.67
CA ASP B 219 31.06 -25.45 19.63
C ASP B 219 31.71 -25.31 18.26
N GLY B 220 33.03 -25.46 18.17
CA GLY B 220 33.68 -25.58 16.87
C GLY B 220 33.25 -26.82 16.11
N LEU B 221 32.72 -27.82 16.82
CA LEU B 221 32.16 -29.00 16.19
C LEU B 221 30.99 -28.67 15.26
N ASP B 222 30.34 -27.53 15.46
CA ASP B 222 29.22 -27.11 14.63
C ASP B 222 29.66 -26.39 13.37
N GLU B 223 30.96 -26.20 13.18
CA GLU B 223 31.49 -25.51 12.01
C GLU B 223 32.15 -26.47 11.03
N ILE B 224 31.72 -27.73 11.06
CA ILE B 224 32.12 -28.74 10.08
C ILE B 224 30.86 -29.19 9.35
N TYR B 225 30.85 -29.04 8.04
CA TYR B 225 29.65 -29.23 7.25
C TYR B 225 29.84 -30.34 6.21
N SER B 226 28.73 -30.85 5.73
CA SER B 226 28.70 -31.81 4.63
C SER B 226 28.30 -31.11 3.34
N PHE B 227 28.67 -31.73 2.22
CA PHE B 227 28.32 -31.17 0.92
C PHE B 227 26.81 -31.14 0.71
N SER B 228 26.09 -32.12 1.26
CA SER B 228 24.65 -32.18 1.08
C SER B 228 23.96 -31.00 1.77
N GLU B 229 24.28 -30.77 3.05
CA GLU B 229 23.61 -29.70 3.78
C GLU B 229 24.09 -28.33 3.32
N SER B 230 25.35 -28.21 2.90
CA SER B 230 25.83 -26.96 2.33
C SER B 230 25.10 -26.63 1.03
N LEU B 231 24.84 -27.64 0.21
CA LEU B 231 24.07 -27.43 -1.02
C LEU B 231 22.68 -26.93 -0.71
N ARG B 232 22.06 -27.46 0.36
CA ARG B 232 20.72 -27.04 0.73
C ARG B 232 20.68 -25.59 1.17
N LYS B 233 21.69 -25.13 1.89
CA LYS B 233 21.73 -23.77 2.43
C LYS B 233 22.08 -22.72 1.38
N LEU B 234 22.62 -23.12 0.23
CA LEU B 234 23.03 -22.19 -0.82
C LEU B 234 22.18 -22.31 -2.07
N CYS B 235 21.00 -22.92 -1.98
CA CYS B 235 20.17 -23.12 -3.17
C CYS B 235 19.50 -21.83 -3.64
N VAL B 236 19.47 -20.79 -2.81
CA VAL B 236 18.79 -19.55 -3.14
C VAL B 236 19.80 -18.41 -3.14
N PHE B 237 19.47 -17.36 -3.91
CA PHE B 237 20.30 -16.17 -3.94
C PHE B 237 20.13 -15.37 -2.65
N LYS B 238 21.12 -14.55 -2.35
CA LYS B 238 21.07 -13.71 -1.16
C LYS B 238 19.91 -12.73 -1.27
N LYS B 239 19.13 -12.60 -0.20
CA LYS B 239 17.99 -11.70 -0.21
C LYS B 239 18.46 -10.25 -0.25
N ILE B 240 17.69 -9.41 -0.94
CA ILE B 240 18.06 -8.01 -1.09
C ILE B 240 17.94 -7.32 0.26
N GLU B 241 19.02 -6.65 0.67
CA GLU B 241 19.09 -6.00 1.97
C GLU B 241 19.47 -4.54 1.79
N ARG B 242 18.79 -3.66 2.52
CA ARG B 242 19.09 -2.24 2.55
C ARG B 242 19.11 -1.78 4.00
N HIS B 243 19.87 -0.72 4.24
CA HIS B 243 20.04 -0.18 5.59
C HIS B 243 19.14 1.04 5.76
N SER B 244 18.22 0.95 6.71
CA SER B 244 17.35 2.07 7.02
C SER B 244 18.14 3.20 7.67
N ILE B 245 17.83 4.44 7.28
CA ILE B 245 18.57 5.58 7.79
C ILE B 245 18.07 5.95 9.19
N HIS B 246 18.89 6.70 9.92
CA HIS B 246 18.53 7.20 11.23
C HIS B 246 17.69 8.47 11.06
N TRP B 247 16.47 8.44 11.62
CA TRP B 247 15.57 9.59 11.54
C TRP B 247 15.31 10.13 12.93
N PRO B 248 16.06 11.15 13.38
CA PRO B 248 15.84 11.68 14.72
C PRO B 248 14.72 12.70 14.74
N CYS B 249 13.97 12.70 15.84
CA CYS B 249 12.87 13.64 16.04
C CYS B 249 12.56 13.68 17.53
N ARG B 250 11.47 14.37 17.88
CA ARG B 250 11.04 14.48 19.26
C ARG B 250 9.55 14.15 19.35
N LEU B 251 9.22 13.22 20.24
CA LEU B 251 7.82 12.87 20.50
C LEU B 251 7.27 13.87 21.53
N THR B 252 6.36 14.73 21.09
CA THR B 252 5.83 15.80 21.91
C THR B 252 4.42 15.48 22.35
N ILE B 253 4.18 15.55 23.65
CA ILE B 253 2.84 15.41 24.23
C ILE B 253 2.50 16.77 24.84
N GLY B 254 1.84 17.62 24.06
CA GLY B 254 1.58 18.97 24.50
C GLY B 254 2.70 19.92 24.10
N SER B 255 3.13 20.76 25.05
CA SER B 255 4.22 21.70 24.80
C SER B 255 5.40 21.54 25.75
N ASN B 256 5.18 21.08 26.98
CA ASN B 256 6.24 20.97 27.98
C ASN B 256 6.79 19.56 28.11
N LEU B 257 6.31 18.61 27.32
CA LEU B 257 6.78 17.22 27.39
C LEU B 257 7.36 16.86 26.03
N SER B 258 8.64 16.48 26.02
CA SER B 258 9.32 16.09 24.79
C SER B 258 10.23 14.90 25.08
N ILE B 259 10.21 13.93 24.17
CA ILE B 259 11.04 12.73 24.29
C ILE B 259 11.82 12.57 22.99
N ARG B 260 13.14 12.45 23.11
CA ARG B 260 13.99 12.25 21.94
C ARG B 260 13.86 10.81 21.46
N ILE B 261 13.52 10.64 20.19
CA ILE B 261 13.22 9.33 19.62
C ILE B 261 14.02 9.13 18.35
N ALA B 262 14.14 7.85 17.97
CA ALA B 262 14.78 7.45 16.71
C ALA B 262 13.85 6.49 15.99
N ALA B 263 13.61 6.74 14.71
CA ALA B 263 12.69 5.95 13.92
C ALA B 263 13.40 5.33 12.73
N TYR B 264 13.09 4.07 12.46
CA TYR B 264 13.63 3.34 11.32
C TYR B 264 12.49 2.66 10.58
N LYS B 265 12.64 2.55 9.26
CA LYS B 265 11.68 1.80 8.47
C LYS B 265 11.84 0.32 8.73
N SER B 266 10.73 -0.36 9.04
CA SER B 266 10.76 -1.76 9.39
C SER B 266 10.25 -2.66 8.27
N ILE B 267 9.08 -2.38 7.73
CA ILE B 267 8.47 -3.18 6.68
C ILE B 267 8.17 -2.27 5.50
N LEU B 268 8.55 -2.71 4.30
CA LEU B 268 8.25 -1.96 3.08
C LEU B 268 8.31 -2.91 1.90
N GLN B 269 7.71 -2.49 0.80
CA GLN B 269 7.73 -3.27 -0.44
C GLN B 269 9.08 -3.06 -1.11
N GLU B 270 9.95 -4.06 -1.00
CA GLU B 270 11.31 -3.91 -1.51
C GLU B 270 11.33 -3.89 -3.04
N ARG B 271 12.22 -3.07 -3.58
CA ARG B 271 12.39 -2.93 -5.02
C ARG B 271 13.76 -3.45 -5.43
N VAL B 272 13.95 -3.57 -6.75
CA VAL B 272 15.23 -4.03 -7.28
C VAL B 272 16.28 -2.95 -7.06
N LYS B 273 17.52 -3.40 -6.82
CA LYS B 273 18.61 -2.46 -6.60
C LYS B 273 18.92 -1.67 -7.87
N LYS B 274 18.97 -2.34 -9.02
CA LYS B 274 19.31 -1.71 -10.28
C LYS B 274 18.19 -1.93 -11.28
N THR B 275 17.94 -0.91 -12.10
CA THR B 275 16.91 -0.96 -13.11
C THR B 275 17.50 -1.23 -14.50
N TRP B 276 16.65 -1.67 -15.40
CA TRP B 276 17.08 -1.94 -16.78
C TRP B 276 17.51 -0.65 -17.46
N THR B 277 18.55 -0.75 -18.27
CA THR B 277 19.07 0.39 -19.03
C THR B 277 18.82 0.15 -20.52
N VAL B 278 18.20 1.13 -21.17
CA VAL B 278 17.89 1.02 -22.59
C VAL B 278 19.14 1.36 -23.38
N VAL B 279 19.54 0.45 -24.27
CA VAL B 279 20.72 0.62 -25.11
C VAL B 279 20.35 0.33 -26.56
N ASP B 280 21.18 0.83 -27.47
CA ASP B 280 20.96 0.61 -28.89
C ASP B 280 21.20 -0.86 -29.24
N ALA B 281 20.42 -1.36 -30.19
CA ALA B 281 20.45 -2.77 -30.54
C ALA B 281 21.62 -3.16 -31.42
N LYS B 282 22.35 -2.20 -31.98
CA LYS B 282 23.47 -2.49 -32.86
C LYS B 282 24.83 -2.16 -32.27
N THR B 283 24.89 -1.41 -31.15
CA THR B 283 26.15 -1.08 -30.51
C THR B 283 26.15 -1.33 -29.02
N LEU B 284 24.99 -1.56 -28.40
CA LEU B 284 24.89 -1.87 -26.96
C LEU B 284 25.53 -0.78 -26.11
N LYS B 285 25.16 0.47 -26.39
CA LYS B 285 25.64 1.63 -25.64
C LYS B 285 24.46 2.48 -25.24
N LYS B 286 24.44 2.92 -23.98
CA LYS B 286 23.35 3.75 -23.48
C LYS B 286 23.50 5.21 -23.85
N GLU B 287 24.69 5.64 -24.29
CA GLU B 287 24.91 7.03 -24.63
C GLU B 287 24.53 7.37 -26.07
N ASP B 288 24.17 6.37 -26.87
CA ASP B 288 23.84 6.58 -28.28
C ASP B 288 22.35 6.77 -28.52
N ILE B 289 21.55 6.84 -27.47
CA ILE B 289 20.12 7.10 -27.60
C ILE B 289 19.75 8.30 -26.73
N GLN B 290 18.65 8.95 -27.10
CA GLN B 290 18.18 10.12 -26.39
C GLN B 290 16.66 10.06 -26.26
N LYS B 291 16.16 10.46 -25.09
CA LYS B 291 14.73 10.48 -24.81
C LYS B 291 14.28 11.93 -24.67
N GLU B 292 13.23 12.29 -25.41
CA GLU B 292 12.71 13.65 -25.41
C GLU B 292 11.19 13.62 -25.48
N THR B 293 10.58 14.72 -25.07
CA THR B 293 9.13 14.89 -25.10
C THR B 293 8.78 16.04 -26.03
N VAL B 294 7.70 15.87 -26.80
CA VAL B 294 7.23 16.87 -27.74
C VAL B 294 5.77 17.16 -27.45
N TYR B 295 5.35 18.39 -27.74
CA TYR B 295 3.98 18.83 -27.51
C TYR B 295 3.33 19.25 -28.82
N CYS B 296 2.11 18.80 -29.05
CA CYS B 296 1.37 19.12 -30.26
C CYS B 296 -0.05 19.51 -29.89
N LEU B 297 -0.66 20.33 -30.74
CA LEU B 297 -2.02 20.80 -30.51
C LEU B 297 -3.03 19.72 -30.88
N THR B 303 1.21 21.87 -35.77
CA THR B 303 1.06 21.01 -34.60
C THR B 303 2.41 20.78 -33.91
N GLU B 304 3.07 21.87 -33.55
CA GLU B 304 4.35 21.80 -32.86
C GLU B 304 4.46 22.97 -31.90
N VAL B 305 4.73 22.67 -30.63
CA VAL B 305 4.81 23.68 -29.59
C VAL B 305 6.14 23.54 -28.86
N LEU B 306 6.77 24.69 -28.59
CA LEU B 306 8.02 24.74 -27.86
C LEU B 306 7.76 24.58 -26.36
N LYS B 307 8.79 24.12 -25.65
CA LYS B 307 8.64 23.90 -24.21
C LYS B 307 8.47 25.19 -23.44
N GLU B 308 8.97 26.31 -23.97
CA GLU B 308 8.86 27.59 -23.30
C GLU B 308 7.54 28.30 -23.58
N ASP B 309 6.67 27.73 -24.41
CA ASP B 309 5.39 28.33 -24.75
C ASP B 309 4.22 27.53 -24.21
N ILE B 310 4.38 26.91 -23.04
CA ILE B 310 3.32 26.14 -22.41
C ILE B 310 3.12 26.67 -20.99
N ILE B 311 1.89 26.52 -20.50
CA ILE B 311 1.50 27.01 -19.18
C ILE B 311 0.80 25.87 -18.43
N GLN B 312 1.15 25.72 -17.16
CA GLN B 312 0.51 24.74 -16.29
C GLN B 312 -0.91 25.19 -15.98
N GLY B 313 -1.86 24.26 -16.09
CA GLY B 313 -3.25 24.57 -15.84
C GLY B 313 -3.95 23.43 -15.13
N PHE B 314 -5.12 23.75 -14.58
CA PHE B 314 -5.92 22.79 -13.84
C PHE B 314 -7.35 22.80 -14.37
N ARG B 315 -8.03 21.67 -14.19
CA ARG B 315 -9.41 21.49 -14.65
C ARG B 315 -10.36 21.73 -13.49
N TYR B 316 -11.35 22.59 -13.70
CA TYR B 316 -12.37 22.91 -12.72
C TYR B 316 -13.73 22.63 -13.37
N GLY B 317 -14.20 21.40 -13.23
CA GLY B 317 -15.43 20.99 -13.87
C GLY B 317 -15.29 20.86 -15.37
N SER B 318 -16.04 21.68 -16.11
CA SER B 318 -15.97 21.70 -17.56
C SER B 318 -15.06 22.80 -18.09
N ASP B 319 -14.40 23.56 -17.23
CA ASP B 319 -13.56 24.66 -17.62
C ASP B 319 -12.10 24.38 -17.26
N ILE B 320 -11.21 25.16 -17.86
CA ILE B 320 -9.78 25.07 -17.62
C ILE B 320 -9.29 26.43 -17.16
N VAL B 321 -8.59 26.46 -16.04
CA VAL B 321 -8.08 27.70 -15.45
C VAL B 321 -6.56 27.64 -15.45
N PRO B 322 -5.88 28.70 -15.86
CA PRO B 322 -4.41 28.71 -15.77
C PRO B 322 -3.96 28.81 -14.31
N PHE B 323 -2.93 28.06 -13.98
CA PHE B 323 -2.42 27.99 -12.60
C PHE B 323 -0.90 27.86 -12.68
N SER B 324 -0.21 28.98 -12.53
CA SER B 324 1.23 29.01 -12.72
C SER B 324 1.95 28.17 -11.67
N LYS B 325 3.06 27.55 -12.07
CA LYS B 325 3.86 26.77 -11.13
C LYS B 325 4.44 27.66 -10.04
N VAL B 326 4.93 28.84 -10.40
CA VAL B 326 5.45 29.77 -9.41
C VAL B 326 4.33 30.27 -8.50
N ASP B 327 3.12 30.45 -9.06
CA ASP B 327 1.98 30.83 -8.24
C ASP B 327 1.53 29.68 -7.36
N GLU B 328 1.76 28.44 -7.81
CA GLU B 328 1.37 27.27 -7.01
C GLU B 328 2.19 27.21 -5.73
N GLU B 329 3.51 27.28 -5.84
CA GLU B 329 4.36 27.18 -4.66
C GLU B 329 4.13 28.34 -3.70
N GLN B 330 3.66 29.48 -4.21
CA GLN B 330 3.27 30.57 -3.31
C GLN B 330 2.00 30.24 -2.55
N MET B 331 1.11 29.44 -3.14
CA MET B 331 -0.15 29.09 -2.51
C MET B 331 -0.20 27.66 -2.01
N LYS B 332 0.91 26.92 -2.09
CA LYS B 332 0.93 25.56 -1.55
C LYS B 332 0.80 25.59 -0.03
N TYR B 333 0.32 24.48 0.51
CA TYR B 333 0.26 24.32 1.95
C TYR B 333 1.66 24.29 2.53
N LYS B 334 1.89 25.10 3.57
CA LYS B 334 3.20 25.25 4.18
C LYS B 334 3.14 24.72 5.61
N SER B 335 4.08 23.85 5.96
CA SER B 335 4.11 23.24 7.28
C SER B 335 5.55 23.17 7.78
N GLU B 336 5.70 23.13 9.10
CA GLU B 336 7.01 22.95 9.72
C GLU B 336 7.31 21.46 9.78
N GLY B 337 8.35 21.03 9.08
CA GLY B 337 8.64 19.62 8.93
C GLY B 337 9.20 18.99 10.19
N LYS B 338 9.34 17.67 10.12
CA LYS B 338 9.92 16.86 11.21
C LYS B 338 9.13 17.05 12.50
N CYS B 339 7.85 16.66 12.46
CA CYS B 339 6.98 16.71 13.61
C CYS B 339 6.47 15.32 13.93
N PHE B 340 6.58 14.93 15.20
CA PHE B 340 6.00 13.70 15.73
C PHE B 340 5.24 14.07 16.99
N SER B 341 3.99 14.50 16.80
CA SER B 341 3.18 15.06 17.88
C SER B 341 1.99 14.16 18.16
N VAL B 342 1.70 13.95 19.43
CA VAL B 342 0.61 13.09 19.87
C VAL B 342 -0.67 13.92 19.92
N LEU B 343 -1.65 13.57 19.08
CA LEU B 343 -2.94 14.25 19.12
C LEU B 343 -3.77 13.77 20.29
N GLY B 344 -3.68 12.49 20.63
CA GLY B 344 -4.45 11.94 21.73
C GLY B 344 -4.31 10.43 21.77
N PHE B 345 -4.95 9.84 22.78
CA PHE B 345 -4.93 8.40 22.99
C PHE B 345 -6.34 7.86 22.91
N CYS B 346 -6.49 6.70 22.27
CA CYS B 346 -7.78 6.04 22.11
C CYS B 346 -7.63 4.55 22.34
N LYS B 347 -8.77 3.88 22.49
CA LYS B 347 -8.77 2.44 22.70
C LYS B 347 -8.20 1.72 21.49
N SER B 348 -7.53 0.59 21.74
CA SER B 348 -6.93 -0.18 20.67
C SER B 348 -8.00 -0.75 19.74
N SER B 349 -9.14 -1.15 20.29
CA SER B 349 -10.21 -1.73 19.49
C SER B 349 -10.81 -0.73 18.51
N GLN B 350 -10.68 0.56 18.77
CA GLN B 350 -11.24 1.58 17.87
C GLN B 350 -10.43 1.78 16.61
N VAL B 351 -9.19 1.26 16.56
CA VAL B 351 -8.33 1.38 15.38
C VAL B 351 -8.27 -0.01 14.76
N GLN B 352 -9.09 -0.24 13.73
CA GLN B 352 -9.11 -1.52 13.06
C GLN B 352 -7.91 -1.67 12.13
N ARG B 353 -7.46 -2.91 11.96
CA ARG B 353 -6.31 -3.17 11.10
C ARG B 353 -6.62 -2.90 9.64
N ARG B 354 -7.88 -3.06 9.22
CA ARG B 354 -8.25 -2.92 7.82
C ARG B 354 -8.14 -1.48 7.32
N PHE B 355 -7.98 -0.51 8.22
CA PHE B 355 -7.88 0.89 7.84
C PHE B 355 -6.44 1.37 7.67
N PHE B 356 -5.46 0.50 7.90
CA PHE B 356 -4.07 0.90 7.77
C PHE B 356 -3.76 1.32 6.33
N MET B 357 -3.05 2.43 6.19
CA MET B 357 -2.65 2.92 4.88
C MET B 357 -1.15 3.18 4.83
N GLY B 358 -0.68 3.79 3.75
CA GLY B 358 0.74 4.01 3.57
C GLY B 358 1.43 2.80 2.96
N ASN B 359 2.74 2.94 2.79
CA ASN B 359 3.55 1.89 2.19
C ASN B 359 4.78 1.59 3.05
N GLN B 360 4.68 1.83 4.36
CA GLN B 360 5.83 1.60 5.24
C GLN B 360 5.32 1.38 6.66
N VAL B 361 6.18 0.79 7.48
CA VAL B 361 5.93 0.61 8.90
C VAL B 361 7.17 1.08 9.64
N LEU B 362 6.99 2.04 10.55
CA LEU B 362 8.09 2.63 11.30
C LEU B 362 8.15 2.06 12.71
N LYS B 363 9.37 1.76 13.15
CA LYS B 363 9.63 1.35 14.53
C LYS B 363 10.34 2.50 15.23
N VAL B 364 9.74 2.98 16.32
CA VAL B 364 10.21 4.17 17.01
C VAL B 364 10.93 3.74 18.28
N PHE B 365 12.23 3.95 18.33
CA PHE B 365 13.06 3.68 19.49
C PHE B 365 13.45 4.98 20.16
N ALA B 366 14.01 4.86 21.36
CA ALA B 366 14.57 6.02 22.04
C ALA B 366 15.86 6.46 21.35
N ALA B 367 16.29 7.68 21.65
CA ALA B 367 17.51 8.20 21.06
C ALA B 367 18.71 7.37 21.50
N ARG B 368 19.66 7.19 20.59
CA ARG B 368 20.83 6.37 20.87
C ARG B 368 21.67 7.00 21.97
N ASP B 369 22.11 6.16 22.90
CA ASP B 369 22.94 6.58 24.05
C ASP B 369 22.25 7.69 24.83
N ASP B 370 21.04 7.37 25.31
CA ASP B 370 20.25 8.33 26.10
C ASP B 370 19.42 7.52 27.09
N GLU B 371 19.91 7.42 28.33
CA GLU B 371 19.19 6.67 29.35
C GLU B 371 17.92 7.41 29.79
N ALA B 372 17.98 8.74 29.81
CA ALA B 372 16.80 9.51 30.21
C ALA B 372 15.66 9.33 29.22
N ALA B 373 15.97 9.37 27.92
CA ALA B 373 14.93 9.19 26.91
C ALA B 373 14.41 7.76 26.89
N ALA B 374 15.28 6.79 27.15
CA ALA B 374 14.86 5.39 27.17
C ALA B 374 13.85 5.13 28.27
N VAL B 375 14.08 5.69 29.46
CA VAL B 375 13.14 5.51 30.56
C VAL B 375 11.80 6.17 30.25
N ALA B 376 11.84 7.39 29.69
CA ALA B 376 10.61 8.10 29.39
C ALA B 376 9.78 7.37 28.34
N LEU B 377 10.43 6.88 27.28
CA LEU B 377 9.70 6.15 26.25
C LEU B 377 9.19 4.82 26.78
N SER B 378 9.95 4.17 27.66
CA SER B 378 9.50 2.91 28.24
C SER B 378 8.24 3.10 29.07
N SER B 379 8.17 4.22 29.82
CA SER B 379 6.98 4.50 30.60
C SER B 379 5.74 4.66 29.73
N LEU B 380 5.89 5.37 28.60
CA LEU B 380 4.76 5.55 27.69
C LEU B 380 4.33 4.21 27.07
N ILE B 381 5.30 3.37 26.70
CA ILE B 381 4.97 2.10 26.07
C ILE B 381 4.23 1.20 27.05
N HIS B 382 4.72 1.09 28.28
CA HIS B 382 4.08 0.23 29.27
C HIS B 382 2.72 0.76 29.69
N ALA B 383 2.59 2.09 29.77
CA ALA B 383 1.30 2.68 30.12
C ALA B 383 0.26 2.37 29.05
N LEU B 384 0.64 2.47 27.77
CA LEU B 384 -0.29 2.15 26.69
C LEU B 384 -0.66 0.68 26.71
N ASP B 385 0.32 -0.21 26.95
CA ASP B 385 0.04 -1.64 26.96
C ASP B 385 -0.88 -2.04 28.10
N ASP B 386 -0.65 -1.47 29.30
CA ASP B 386 -1.48 -1.81 30.45
C ASP B 386 -2.92 -1.37 30.25
N LEU B 387 -3.13 -0.18 29.69
CA LEU B 387 -4.46 0.34 29.44
C LEU B 387 -5.04 -0.13 28.12
N ASP B 388 -4.28 -0.90 27.34
CA ASP B 388 -4.73 -1.38 26.02
C ASP B 388 -5.14 -0.21 25.13
N MET B 389 -4.33 0.84 25.12
CA MET B 389 -4.58 2.04 24.33
C MET B 389 -3.50 2.22 23.29
N VAL B 390 -3.79 3.09 22.32
CA VAL B 390 -2.86 3.46 21.27
C VAL B 390 -2.82 4.98 21.17
N ALA B 391 -1.76 5.47 20.54
CA ALA B 391 -1.54 6.90 20.40
C ALA B 391 -1.76 7.32 18.95
N ILE B 392 -2.58 8.34 18.75
CA ILE B 392 -2.80 8.92 17.43
C ILE B 392 -1.85 10.10 17.27
N VAL B 393 -0.96 10.02 16.29
CA VAL B 393 0.10 11.00 16.14
C VAL B 393 0.06 11.61 14.75
N ARG B 394 0.67 12.79 14.64
CA ARG B 394 0.84 13.49 13.37
C ARG B 394 2.31 13.37 12.98
N TYR B 395 2.57 12.85 11.78
CA TYR B 395 3.92 12.53 11.35
C TYR B 395 4.22 13.24 10.03
N ALA B 396 5.36 13.91 9.98
CA ALA B 396 5.85 14.55 8.76
C ALA B 396 7.33 14.27 8.62
N TYR B 397 7.73 13.74 7.47
CA TYR B 397 9.12 13.34 7.27
C TYR B 397 10.05 14.54 7.30
N ASP B 398 9.69 15.60 6.59
CA ASP B 398 10.48 16.83 6.57
C ASP B 398 9.58 17.95 6.06
N LYS B 399 10.19 19.12 5.78
CA LYS B 399 9.42 20.28 5.35
C LYS B 399 8.85 20.10 3.95
N ARG B 400 9.37 19.16 3.17
CA ARG B 400 8.86 18.89 1.83
C ARG B 400 7.85 17.74 1.81
N ALA B 401 7.48 17.21 2.96
CA ALA B 401 6.61 16.04 3.06
C ALA B 401 5.20 16.46 3.42
N ASN B 402 4.22 15.76 2.86
CA ASN B 402 2.83 15.97 3.23
C ASN B 402 2.59 15.42 4.63
N PRO B 403 2.00 16.19 5.54
CA PRO B 403 1.75 15.69 6.89
C PRO B 403 0.81 14.49 6.88
N GLN B 404 1.04 13.57 7.81
CA GLN B 404 0.27 12.34 7.91
C GLN B 404 -0.33 12.20 9.30
N VAL B 405 -1.37 11.38 9.39
CA VAL B 405 -2.00 11.02 10.65
C VAL B 405 -1.94 9.51 10.77
N GLY B 406 -1.35 9.02 11.86
CA GLY B 406 -1.17 7.60 12.03
C GLY B 406 -1.42 7.11 13.44
N VAL B 407 -1.11 5.85 13.69
CA VAL B 407 -1.33 5.23 14.99
C VAL B 407 -0.01 4.65 15.48
N ALA B 408 0.31 4.88 16.75
CA ALA B 408 1.53 4.35 17.37
C ALA B 408 1.11 3.43 18.51
N PHE B 409 1.23 2.12 18.30
CA PHE B 409 0.85 1.16 19.32
C PHE B 409 2.07 0.49 19.91
N PRO B 410 2.02 0.11 21.19
CA PRO B 410 3.20 -0.49 21.82
C PRO B 410 3.54 -1.85 21.24
N HIS B 411 4.83 -2.19 21.29
CA HIS B 411 5.34 -3.46 20.81
C HIS B 411 6.45 -3.88 21.77
N ILE B 412 6.14 -4.78 22.69
CA ILE B 412 7.03 -5.16 23.78
C ILE B 412 7.52 -6.58 23.52
N LYS B 413 8.83 -6.75 23.49
CA LYS B 413 9.49 -8.05 23.41
C LYS B 413 10.38 -8.24 24.62
N HIS B 414 11.02 -9.42 24.70
CA HIS B 414 11.92 -9.72 25.79
C HIS B 414 13.34 -9.19 25.56
N ASN B 415 13.63 -8.67 24.38
CA ASN B 415 14.91 -8.05 24.09
C ASN B 415 14.83 -6.54 23.89
N TYR B 416 13.69 -6.03 23.45
CA TYR B 416 13.54 -4.60 23.20
C TYR B 416 12.06 -4.25 23.23
N GLU B 417 11.79 -2.95 23.30
CA GLU B 417 10.43 -2.42 23.26
C GLU B 417 10.43 -1.12 22.48
N CYS B 418 9.39 -0.92 21.67
CA CYS B 418 9.33 0.25 20.80
C CYS B 418 7.90 0.48 20.37
N LEU B 419 7.66 1.67 19.82
CA LEU B 419 6.38 2.00 19.23
C LEU B 419 6.40 1.72 17.73
N VAL B 420 5.26 1.32 17.20
CA VAL B 420 5.11 0.99 15.79
C VAL B 420 4.12 1.97 15.18
N TYR B 421 4.54 2.67 14.13
CA TYR B 421 3.74 3.70 13.49
C TYR B 421 3.24 3.20 12.14
N VAL B 422 1.93 3.25 11.94
CA VAL B 422 1.30 2.94 10.67
C VAL B 422 0.35 4.08 10.33
N GLN B 423 0.39 4.53 9.08
CA GLN B 423 -0.44 5.66 8.66
C GLN B 423 -1.91 5.28 8.68
N LEU B 424 -2.75 6.24 9.09
CA LEU B 424 -4.20 6.09 9.16
C LEU B 424 -4.87 6.90 8.06
N PRO B 425 -6.06 6.50 7.61
CA PRO B 425 -6.69 7.18 6.49
C PRO B 425 -7.25 8.54 6.85
N PHE B 426 -7.36 9.39 5.84
CA PHE B 426 -8.04 10.66 5.97
C PHE B 426 -9.52 10.50 5.61
N MET B 427 -10.25 11.61 5.67
CA MET B 427 -11.67 11.58 5.29
C MET B 427 -11.84 11.30 3.81
N GLU B 428 -10.93 11.79 2.98
CA GLU B 428 -11.07 11.65 1.53
C GLU B 428 -10.64 10.27 1.03
N ASP B 429 -9.98 9.48 1.86
CA ASP B 429 -9.45 8.19 1.44
C ASP B 429 -10.39 7.02 1.71
N LEU B 430 -11.58 7.28 2.24
CA LEU B 430 -12.53 6.23 2.59
C LEU B 430 -13.55 6.07 1.48
N ARG B 431 -13.74 4.83 1.04
CA ARG B 431 -14.75 4.49 0.04
C ARG B 431 -15.94 3.86 0.74
N GLN B 432 -17.11 4.49 0.60
CA GLN B 432 -18.32 4.03 1.29
C GLN B 432 -19.18 3.22 0.34
N TYR B 433 -18.76 1.97 0.12
CA TYR B 433 -19.52 1.03 -0.68
C TYR B 433 -20.45 0.21 0.20
N MET B 434 -21.55 -0.24 -0.40
CA MET B 434 -22.55 -1.05 0.29
C MET B 434 -22.73 -2.36 -0.46
N PHE B 435 -22.71 -3.46 0.28
CA PHE B 435 -22.83 -4.80 -0.30
C PHE B 435 -24.02 -5.53 0.34
N SER B 436 -24.68 -6.36 -0.47
CA SER B 436 -25.81 -7.12 0.02
C SER B 436 -25.37 -8.13 1.07
N SER B 437 -26.20 -8.29 2.10
CA SER B 437 -25.88 -9.21 3.18
C SER B 437 -25.98 -10.65 2.71
N LEU B 438 -25.23 -11.53 3.38
CA LEU B 438 -25.18 -12.94 3.06
C LEU B 438 -25.78 -13.84 4.12
N LYS B 439 -25.78 -13.41 5.38
CA LYS B 439 -26.28 -14.26 6.45
C LYS B 439 -27.80 -14.46 6.35
N ASN B 440 -28.52 -13.41 5.98
CA ASN B 440 -29.98 -13.43 5.91
C ASN B 440 -30.49 -13.55 4.47
N SER B 441 -29.77 -14.30 3.65
CA SER B 441 -30.15 -14.53 2.25
C SER B 441 -30.70 -15.94 2.10
N LYS B 442 -31.90 -16.06 1.55
CA LYS B 442 -32.52 -17.38 1.39
C LYS B 442 -31.86 -18.15 0.24
N LYS B 443 -31.54 -17.47 -0.85
CA LYS B 443 -30.97 -18.15 -2.01
C LYS B 443 -29.60 -18.75 -1.70
N TYR B 444 -28.76 -18.01 -0.98
CA TYR B 444 -27.38 -18.40 -0.72
C TYR B 444 -27.18 -18.91 0.71
N ALA B 445 -28.16 -19.63 1.26
CA ALA B 445 -28.04 -20.17 2.60
C ALA B 445 -27.55 -21.61 2.53
N PRO B 446 -26.33 -21.90 2.97
CA PRO B 446 -25.86 -23.29 2.92
C PRO B 446 -26.63 -24.16 3.90
N THR B 447 -26.75 -25.44 3.54
CA THR B 447 -27.42 -26.42 4.38
C THR B 447 -26.45 -26.92 5.46
N GLU B 448 -26.97 -27.79 6.34
CA GLU B 448 -26.13 -28.34 7.40
C GLU B 448 -25.12 -29.34 6.85
N ALA B 449 -25.46 -30.03 5.75
CA ALA B 449 -24.50 -30.95 5.13
C ALA B 449 -23.36 -30.19 4.47
N GLN B 450 -23.68 -29.09 3.79
CA GLN B 450 -22.64 -28.30 3.14
C GLN B 450 -21.71 -27.67 4.17
N LEU B 451 -22.25 -27.21 5.30
CA LEU B 451 -21.40 -26.63 6.34
C LEU B 451 -20.46 -27.68 6.92
N ASN B 452 -20.94 -28.90 7.09
CA ASN B 452 -20.10 -29.96 7.64
C ASN B 452 -18.93 -30.26 6.72
N ALA B 453 -19.16 -30.28 5.41
CA ALA B 453 -18.08 -30.53 4.46
C ALA B 453 -17.01 -29.45 4.53
N VAL B 454 -17.44 -28.19 4.62
CA VAL B 454 -16.48 -27.09 4.73
C VAL B 454 -15.69 -27.18 6.02
N ASP B 455 -16.37 -27.55 7.12
CA ASP B 455 -15.69 -27.68 8.40
C ASP B 455 -14.61 -28.75 8.34
N ALA B 456 -14.89 -29.87 7.67
CA ALA B 456 -13.89 -30.92 7.52
C ALA B 456 -12.69 -30.43 6.73
N LEU B 457 -12.92 -29.63 5.69
CA LEU B 457 -11.82 -29.12 4.87
C LEU B 457 -10.89 -28.24 5.69
N ILE B 458 -11.45 -27.38 6.53
CA ILE B 458 -10.63 -26.44 7.30
C ILE B 458 -9.73 -27.19 8.27
N ASP B 459 -10.26 -28.24 8.90
CA ASP B 459 -9.45 -29.04 9.82
C ASP B 459 -8.31 -29.73 9.08
N SER B 460 -8.58 -30.25 7.88
CA SER B 460 -7.57 -31.00 7.15
C SER B 460 -6.49 -30.07 6.58
N MET B 461 -6.89 -28.87 6.14
CA MET B 461 -5.97 -27.93 5.51
C MET B 461 -5.33 -26.98 6.51
N SER B 462 -5.24 -27.37 7.79
CA SER B 462 -4.63 -26.51 8.79
C SER B 462 -3.13 -26.36 8.51
N LEU B 463 -2.65 -25.12 8.58
CA LEU B 463 -1.24 -24.81 8.35
C LEU B 463 -0.46 -24.65 9.65
N ALA B 464 -1.09 -24.93 10.80
CA ALA B 464 -0.43 -24.82 12.09
C ALA B 464 -0.79 -26.03 12.94
N LYS B 465 0.10 -26.34 13.88
CA LYS B 465 -0.09 -27.48 14.78
C LYS B 465 0.22 -27.06 16.20
N LYS B 466 -0.58 -27.54 17.15
CA LYS B 466 -0.34 -27.31 18.56
C LYS B 466 0.64 -28.35 19.09
N ASP B 467 1.49 -27.93 20.02
CA ASP B 467 2.53 -28.80 20.56
C ASP B 467 2.67 -28.56 22.06
N GLU B 468 3.21 -29.57 22.74
CA GLU B 468 3.51 -29.55 24.17
C GLU B 468 2.26 -29.42 25.04
N LYS B 469 1.07 -29.50 24.45
CA LYS B 469 -0.20 -29.34 25.16
C LYS B 469 -0.30 -27.99 25.87
N THR B 470 0.51 -27.02 25.47
CA THR B 470 0.55 -25.69 26.07
C THR B 470 0.25 -24.62 25.03
N ASP B 471 -0.71 -24.91 24.14
CA ASP B 471 -1.14 -24.04 23.04
C ASP B 471 0.03 -23.36 22.34
N THR B 472 1.13 -24.10 22.16
CA THR B 472 2.30 -23.58 21.44
C THR B 472 2.11 -23.86 19.96
N LEU B 473 1.69 -22.86 19.21
CA LEU B 473 1.37 -23.00 17.79
C LEU B 473 2.62 -22.73 16.97
N GLU B 474 3.11 -23.76 16.28
CA GLU B 474 4.20 -23.60 15.33
C GLU B 474 3.64 -23.54 13.91
N ASP B 475 4.32 -22.79 13.05
CA ASP B 475 3.85 -22.54 11.71
C ASP B 475 4.50 -23.52 10.74
N LEU B 476 3.67 -24.24 9.98
CA LEU B 476 4.15 -25.16 8.96
C LEU B 476 4.42 -24.47 7.63
N PHE B 477 4.13 -23.17 7.52
CA PHE B 477 4.27 -22.45 6.26
C PHE B 477 4.36 -20.97 6.59
N PRO B 478 5.53 -20.51 7.07
CA PRO B 478 5.62 -19.15 7.62
C PRO B 478 5.31 -18.04 6.63
N THR B 479 5.70 -18.20 5.36
CA THR B 479 5.50 -17.20 4.32
C THR B 479 6.21 -15.88 4.60
N THR B 480 6.98 -15.82 5.69
CA THR B 480 7.75 -14.64 6.02
C THR B 480 9.26 -14.86 5.95
N LYS B 481 9.71 -16.12 6.01
CA LYS B 481 11.11 -16.45 5.79
C LYS B 481 11.39 -16.83 4.34
N ILE B 482 10.38 -16.81 3.49
CA ILE B 482 10.51 -17.18 2.08
C ILE B 482 11.03 -15.97 1.30
N PRO B 483 12.15 -16.11 0.59
CA PRO B 483 12.62 -15.01 -0.25
C PRO B 483 11.65 -14.74 -1.38
N ASN B 484 11.64 -13.48 -1.83
CA ASN B 484 10.73 -13.07 -2.88
C ASN B 484 11.06 -13.82 -4.17
N PRO B 485 10.12 -14.57 -4.75
CA PRO B 485 10.44 -15.30 -5.99
C PRO B 485 10.72 -14.40 -7.17
N ARG B 486 10.30 -13.13 -7.13
CA ARG B 486 10.56 -12.23 -8.24
C ARG B 486 12.06 -12.00 -8.43
N PHE B 487 12.78 -11.81 -7.34
CA PHE B 487 14.22 -11.58 -7.44
C PHE B 487 14.98 -12.87 -7.73
N GLN B 488 14.50 -13.99 -7.20
CA GLN B 488 15.15 -15.27 -7.48
C GLN B 488 15.05 -15.63 -8.95
N ARG B 489 13.88 -15.40 -9.56
CA ARG B 489 13.71 -15.66 -10.99
C ARG B 489 14.55 -14.70 -11.82
N LEU B 490 14.59 -13.43 -11.44
CA LEU B 490 15.34 -12.44 -12.20
C LEU B 490 16.84 -12.75 -12.19
N PHE B 491 17.38 -13.13 -11.03
CA PHE B 491 18.80 -13.43 -10.95
C PHE B 491 19.15 -14.69 -11.72
N GLN B 492 18.24 -15.68 -11.73
CA GLN B 492 18.48 -16.89 -12.50
C GLN B 492 18.59 -16.58 -13.99
N CYS B 493 17.70 -15.74 -14.52
CA CYS B 493 17.74 -15.40 -15.93
C CYS B 493 18.99 -14.60 -16.28
N LEU B 494 19.37 -13.65 -15.41
CA LEU B 494 20.57 -12.87 -15.66
C LEU B 494 21.81 -13.74 -15.65
N LEU B 495 21.90 -14.66 -14.69
CA LEU B 495 23.06 -15.54 -14.63
C LEU B 495 23.12 -16.47 -15.84
N HIS B 496 21.98 -17.00 -16.26
CA HIS B 496 21.96 -17.91 -17.40
C HIS B 496 22.37 -17.18 -18.68
N ARG B 497 21.88 -15.95 -18.87
CA ARG B 497 22.20 -15.21 -20.08
C ARG B 497 23.69 -14.86 -20.15
N ALA B 498 24.27 -14.48 -19.00
CA ALA B 498 25.69 -14.11 -18.99
C ALA B 498 26.58 -15.31 -19.34
N LEU B 499 26.27 -16.48 -18.77
CA LEU B 499 27.09 -17.66 -19.04
C LEU B 499 26.81 -18.22 -20.44
N HIS B 500 25.55 -18.23 -20.86
CA HIS B 500 25.15 -18.74 -22.18
C HIS B 500 24.40 -17.64 -22.91
N PRO B 501 25.09 -16.80 -23.67
CA PRO B 501 24.43 -15.67 -24.35
C PRO B 501 23.70 -16.02 -25.63
N ARG B 502 23.52 -17.31 -25.95
CA ARG B 502 22.85 -17.70 -27.18
C ARG B 502 21.86 -18.84 -26.90
N GLU B 503 21.12 -18.72 -25.81
CA GLU B 503 20.13 -19.71 -25.43
C GLU B 503 18.89 -19.02 -24.89
N PRO B 504 17.73 -19.65 -25.02
CA PRO B 504 16.51 -19.08 -24.43
C PRO B 504 16.52 -19.19 -22.91
N LEU B 505 15.68 -18.38 -22.28
CA LEU B 505 15.60 -18.36 -20.84
C LEU B 505 15.11 -19.70 -20.32
N PRO B 506 15.71 -20.23 -19.25
CA PRO B 506 15.29 -21.53 -18.71
C PRO B 506 13.99 -21.39 -17.94
N PRO B 507 13.28 -22.50 -17.72
CA PRO B 507 12.06 -22.44 -16.91
C PRO B 507 12.36 -22.18 -15.45
N ILE B 508 11.30 -21.88 -14.70
CA ILE B 508 11.45 -21.61 -13.27
C ILE B 508 12.00 -22.83 -12.56
N GLN B 509 12.93 -22.60 -11.64
CA GLN B 509 13.57 -23.70 -10.93
C GLN B 509 12.56 -24.48 -10.10
N GLN B 510 12.79 -25.79 -10.01
CA GLN B 510 11.86 -26.66 -9.29
C GLN B 510 11.80 -26.31 -7.81
N HIS B 511 12.94 -25.99 -7.21
CA HIS B 511 12.96 -25.67 -5.78
C HIS B 511 12.23 -24.37 -5.48
N ILE B 512 12.08 -23.50 -6.49
CA ILE B 512 11.31 -22.28 -6.30
C ILE B 512 9.84 -22.61 -6.11
N TRP B 513 9.33 -23.54 -6.92
CA TRP B 513 7.93 -23.95 -6.79
C TRP B 513 7.69 -24.65 -5.46
N ASN B 514 8.66 -25.43 -4.98
CA ASN B 514 8.48 -26.19 -3.74
C ASN B 514 8.27 -25.26 -2.55
N MET B 515 9.03 -24.17 -2.48
CA MET B 515 8.89 -23.23 -1.36
C MET B 515 7.69 -22.32 -1.52
N LEU B 516 7.10 -22.25 -2.72
CA LEU B 516 5.90 -21.47 -2.95
C LEU B 516 4.63 -22.28 -2.76
N ASN B 517 4.75 -23.53 -2.31
CA ASN B 517 3.63 -24.43 -2.12
C ASN B 517 3.64 -24.98 -0.70
N PRO B 518 2.48 -25.36 -0.17
CA PRO B 518 2.42 -25.89 1.20
C PRO B 518 3.11 -27.25 1.27
N PRO B 519 3.46 -27.70 2.47
CA PRO B 519 4.10 -29.01 2.60
C PRO B 519 3.20 -30.12 2.09
N ALA B 520 3.84 -31.19 1.60
CA ALA B 520 3.13 -32.26 0.92
C ALA B 520 2.09 -32.95 1.80
N GLU B 521 2.31 -32.98 3.12
CA GLU B 521 1.33 -33.62 4.00
C GLU B 521 0.01 -32.85 4.03
N VAL B 522 0.09 -31.52 3.84
CA VAL B 522 -1.13 -30.72 3.81
C VAL B 522 -1.97 -31.05 2.58
N THR B 523 -1.32 -31.16 1.43
CA THR B 523 -2.04 -31.48 0.19
C THR B 523 -2.63 -32.88 0.25
N THR B 524 -1.88 -33.85 0.80
CA THR B 524 -2.35 -35.22 0.85
C THR B 524 -3.59 -35.36 1.73
N LYS B 525 -3.60 -34.66 2.87
CA LYS B 525 -4.71 -34.78 3.80
C LYS B 525 -6.00 -34.21 3.23
N SER B 526 -5.91 -33.24 2.32
CA SER B 526 -7.07 -32.56 1.77
C SER B 526 -7.64 -33.24 0.54
N GLN B 527 -7.12 -34.40 0.14
CA GLN B 527 -7.60 -35.07 -1.06
C GLN B 527 -9.06 -35.48 -0.90
N ILE B 528 -9.42 -36.02 0.27
CA ILE B 528 -10.77 -36.51 0.52
C ILE B 528 -11.74 -35.36 0.77
N PRO B 529 -11.47 -34.43 1.70
CA PRO B 529 -12.44 -33.35 1.95
C PRO B 529 -12.74 -32.50 0.73
N LEU B 530 -11.75 -32.28 -0.14
CA LEU B 530 -12.01 -31.51 -1.35
C LEU B 530 -12.96 -32.24 -2.28
N SER B 531 -12.87 -33.57 -2.33
CA SER B 531 -13.78 -34.35 -3.15
C SER B 531 -15.22 -34.21 -2.68
N LYS B 532 -15.43 -34.18 -1.36
CA LYS B 532 -16.78 -34.02 -0.82
C LYS B 532 -17.36 -32.67 -1.20
N ILE B 533 -16.54 -31.63 -1.18
CA ILE B 533 -17.03 -30.29 -1.52
C ILE B 533 -17.45 -30.23 -2.99
N LYS B 534 -16.67 -30.87 -3.88
CA LYS B 534 -16.97 -30.81 -5.30
C LYS B 534 -18.32 -31.44 -5.62
N THR B 535 -18.72 -32.46 -4.86
CA THR B 535 -19.99 -33.12 -5.11
C THR B 535 -21.14 -32.55 -4.29
N LEU B 536 -20.87 -31.59 -3.40
CA LEU B 536 -21.92 -30.97 -2.60
C LEU B 536 -22.21 -29.53 -2.99
N PHE B 537 -21.25 -28.84 -3.60
CA PHE B 537 -21.48 -27.48 -4.06
C PHE B 537 -21.53 -27.46 -5.58
N PRO B 538 -22.71 -27.36 -6.19
CA PRO B 538 -22.80 -27.33 -7.65
C PRO B 538 -22.30 -26.00 -8.21
N LEU B 539 -21.15 -26.04 -8.86
CA LEU B 539 -20.55 -24.86 -9.47
C LEU B 539 -20.70 -24.95 -10.98
N ILE B 540 -21.37 -23.97 -11.57
CA ILE B 540 -21.63 -23.93 -13.01
C ILE B 540 -21.12 -22.61 -13.55
N GLU B 541 -20.28 -22.66 -14.59
CA GLU B 541 -19.74 -21.48 -15.21
C GLU B 541 -20.66 -21.04 -16.35
N ALA B 542 -21.25 -19.86 -16.20
CA ALA B 542 -22.16 -19.33 -17.22
C ALA B 542 -21.40 -18.90 -18.46
N CYS C 180 -35.37 7.61 2.65
CA CYS C 180 -34.42 6.76 3.36
C CYS C 180 -33.37 7.59 4.08
N PRO C 181 -33.47 7.66 5.41
CA PRO C 181 -32.47 8.42 6.17
C PRO C 181 -31.08 7.85 6.03
N GLY C 182 -30.09 8.72 6.11
CA GLY C 182 -28.71 8.31 5.92
C GLY C 182 -28.29 8.37 4.47
N GLU C 183 -28.47 9.53 3.84
CA GLU C 183 -28.15 9.70 2.43
C GLU C 183 -27.70 11.14 2.20
N SER C 184 -27.01 11.35 1.09
CA SER C 184 -26.55 12.67 0.71
C SER C 184 -27.57 13.32 -0.23
N LEU C 185 -28.04 14.50 0.14
CA LEU C 185 -28.99 15.22 -0.71
C LEU C 185 -28.31 15.69 -1.99
N ILE C 186 -27.00 15.89 -1.96
CA ILE C 186 -26.28 16.31 -3.16
C ILE C 186 -26.07 15.14 -4.11
N ASN C 187 -25.49 14.06 -3.61
CA ASN C 187 -25.17 12.88 -4.42
C ASN C 187 -26.00 11.68 -3.94
N PRO C 188 -27.09 11.33 -4.63
CA PRO C 188 -27.83 10.13 -4.26
C PRO C 188 -26.99 8.88 -4.46
N GLY C 189 -27.28 7.86 -3.66
CA GLY C 189 -26.52 6.63 -3.66
C GLY C 189 -25.35 6.61 -2.69
N PHE C 190 -25.02 7.74 -2.08
CA PHE C 190 -23.99 7.83 -1.06
C PHE C 190 -24.59 8.42 0.21
N LYS C 191 -24.26 7.83 1.36
CA LYS C 191 -24.74 8.36 2.62
C LYS C 191 -23.98 9.64 2.97
N SER C 192 -24.70 10.60 3.53
CA SER C 192 -24.09 11.88 3.88
C SER C 192 -22.98 11.68 4.90
N LYS C 193 -21.83 12.30 4.63
CA LYS C 193 -20.67 12.15 5.50
C LYS C 193 -20.76 13.11 6.68
N LYS C 194 -20.50 12.58 7.87
CA LYS C 194 -20.47 13.41 9.06
C LYS C 194 -19.29 14.39 8.98
N PRO C 195 -19.50 15.68 9.24
CA PRO C 195 -18.39 16.64 9.17
C PRO C 195 -17.30 16.32 10.17
N ALA C 196 -16.12 16.89 9.90
CA ALA C 196 -14.92 16.62 10.68
C ALA C 196 -14.91 17.43 11.98
N GLY C 197 -13.78 17.46 12.67
CA GLY C 197 -13.68 18.08 13.97
C GLY C 197 -12.57 17.46 14.82
N GLY C 198 -11.99 16.38 14.32
CA GLY C 198 -10.76 15.86 14.91
C GLY C 198 -10.92 15.39 16.33
N VAL C 199 -10.03 15.87 17.20
CA VAL C 199 -9.94 15.39 18.57
C VAL C 199 -10.84 16.22 19.47
N ASP C 200 -11.69 15.55 20.24
CA ASP C 200 -12.55 16.18 21.23
C ASP C 200 -12.41 15.37 22.53
N PHE C 201 -11.66 15.91 23.49
CA PHE C 201 -11.41 15.21 24.73
C PHE C 201 -12.69 15.06 25.54
N ASP C 202 -12.77 13.96 26.28
CA ASP C 202 -13.94 13.68 27.11
C ASP C 202 -13.87 14.42 28.43
N LYS D 293 23.84 -19.59 13.57
CA LYS D 293 24.69 -18.42 13.34
C LYS D 293 25.42 -18.53 12.00
N PRO D 294 25.01 -17.72 11.03
CA PRO D 294 25.63 -17.79 9.70
C PRO D 294 26.91 -16.96 9.60
N ARG D 295 28.03 -17.61 9.28
CA ARG D 295 29.28 -16.91 9.07
C ARG D 295 30.14 -17.73 8.11
N GLY D 296 31.11 -17.05 7.51
CA GLY D 296 32.02 -17.71 6.58
C GLY D 296 31.45 -17.85 5.18
N LEU D 297 31.26 -19.09 4.74
CA LEU D 297 30.75 -19.32 3.39
C LEU D 297 29.28 -18.93 3.27
N PHE D 298 28.53 -18.95 4.36
CA PHE D 298 27.11 -18.67 4.35
C PHE D 298 26.78 -17.21 4.62
N SER D 299 27.79 -16.35 4.74
CA SER D 299 27.54 -14.93 4.96
C SER D 299 28.43 -14.08 4.05
P PO4 G . 11.83 -12.22 14.99
O1 PO4 G . 10.51 -11.99 14.29
O2 PO4 G . 11.62 -13.10 16.20
O3 PO4 G . 12.40 -10.88 15.43
O4 PO4 G . 12.79 -12.88 14.05
#